data_4JUU
#
_entry.id   4JUU
#
_cell.length_a   54.893
_cell.length_b   108.749
_cell.length_c   116.204
_cell.angle_alpha   90.000
_cell.angle_beta   90.000
_cell.angle_gamma   90.000
#
_symmetry.space_group_name_H-M   'P 21 21 21'
#
loop_
_entity.id
_entity.type
_entity.pdbx_description
1 polymer Epimerase
2 non-polymer 'PHOSPHATE ION'
3 non-polymer 'CHLORIDE ION'
4 non-polymer 'UNKNOWN LIGAND'
5 water water
#
_entity_poly.entity_id   1
_entity_poly.type   'polypeptide(L)'
_entity_poly.pdbx_seq_one_letter_code
;MHHHHHHSSGVDLGTENLYFQSMHTIDVIDSHTAGEPTRVVLAGFPDLGDGDLAQCRERFRSDFDHWRSAIACEPRGSDT
MVGALLLPPRDPSACTGVIFFNNVGYLGMCGHGTIGVVRTLAELGRIAPGQHRIETPVGTVGVALADDGTVSIDNVESYR
HAAGVEVDVPGHGRVRGDVAWGGNWFFITEQAPCALGLAQQRELTAYTEAIRLALEAAGITGEAGGEIDHIEISGVAPDG
SGAARNFVLCPGLAYDRSPCGTGTSAKLACLAADGKLAEGERWLQQGILGSAFEGSYRHSGRGIAPRISGHAFITARSQL
LIDPADPFAWGIVA
;
_entity_poly.pdbx_strand_id   A,B
#
loop_
_chem_comp.id
_chem_comp.type
_chem_comp.name
_chem_comp.formula
CL non-polymer 'CHLORIDE ION' 'Cl -1'
PO4 non-polymer 'PHOSPHATE ION' 'O4 P -3'
UNL non-polymer 'UNKNOWN LIGAND' ?
#
# COMPACT_ATOMS: atom_id res chain seq x y z
N PHE A 20 10.42 16.13 -17.59
CA PHE A 20 9.95 14.79 -18.05
C PHE A 20 9.58 14.83 -19.53
N GLN A 21 10.57 14.54 -20.35
CA GLN A 21 10.38 14.49 -21.79
C GLN A 21 10.71 13.07 -22.27
N SER A 22 11.58 12.41 -21.51
CA SER A 22 12.06 11.06 -21.82
C SER A 22 11.07 9.91 -21.48
N MET A 23 9.88 10.24 -20.97
CA MET A 23 9.04 9.23 -20.32
C MET A 23 7.67 8.98 -20.98
N HIS A 24 7.29 7.70 -21.15
CA HIS A 24 5.91 7.27 -21.50
C HIS A 24 4.95 7.92 -20.47
N THR A 25 3.86 8.53 -20.90
CA THR A 25 2.91 9.16 -19.99
C THR A 25 1.57 8.45 -20.00
N ILE A 26 0.99 8.18 -18.83
CA ILE A 26 -0.33 7.58 -18.77
C ILE A 26 -1.24 8.45 -17.91
N ASP A 27 -2.32 8.95 -18.48
CA ASP A 27 -3.26 9.80 -17.74
C ASP A 27 -4.27 8.95 -16.99
N VAL A 28 -4.33 9.16 -15.68
CA VAL A 28 -5.23 8.39 -14.82
C VAL A 28 -5.95 9.31 -13.83
N ILE A 29 -7.14 8.88 -13.41
CA ILE A 29 -7.81 9.51 -12.27
C ILE A 29 -8.00 8.46 -11.20
N ASP A 30 -7.50 8.76 -10.03
CA ASP A 30 -7.66 7.90 -8.88
C ASP A 30 -8.92 8.30 -8.05
N SER A 31 -9.59 7.27 -7.54
CA SER A 31 -10.70 7.47 -6.62
C SER A 31 -10.70 6.36 -5.58
N HIS A 32 -11.59 6.46 -4.62
CA HIS A 32 -11.85 5.34 -3.76
C HIS A 32 -13.35 5.19 -3.61
N THR A 33 -13.76 3.95 -3.37
CA THR A 33 -15.15 3.62 -3.13
C THR A 33 -15.28 3.08 -1.72
N ALA A 34 -15.78 3.92 -0.82
CA ALA A 34 -15.84 3.59 0.60
C ALA A 34 -14.50 3.09 1.19
N GLY A 35 -13.40 3.49 0.57
CA GLY A 35 -12.05 3.24 1.09
C GLY A 35 -11.18 2.42 0.13
N GLU A 36 -11.82 1.74 -0.80
CA GLU A 36 -11.15 0.80 -1.71
C GLU A 36 -10.84 1.53 -3.02
N PRO A 37 -9.55 1.59 -3.41
CA PRO A 37 -9.15 2.47 -4.54
C PRO A 37 -9.39 1.91 -5.93
N THR A 38 -9.67 2.80 -6.88
CA THR A 38 -9.73 2.50 -8.32
C THR A 38 -8.86 3.52 -9.06
N ARG A 39 -8.13 3.04 -10.07
CA ARG A 39 -7.32 3.89 -10.93
C ARG A 39 -7.89 3.78 -12.34
N VAL A 40 -8.60 4.83 -12.75
CA VAL A 40 -9.22 4.88 -14.07
C VAL A 40 -8.25 5.44 -15.08
N VAL A 41 -7.98 4.65 -16.11
CA VAL A 41 -7.01 5.01 -17.14
C VAL A 41 -7.69 5.68 -18.32
N LEU A 42 -7.34 6.94 -18.53
CA LEU A 42 -7.97 7.76 -19.56
C LEU A 42 -7.25 7.89 -20.89
N ALA A 43 -5.92 7.84 -20.90
CA ALA A 43 -5.15 8.08 -22.10
C ALA A 43 -3.73 7.57 -21.93
N GLY A 44 -3.08 7.27 -23.06
CA GLY A 44 -1.68 6.91 -23.06
C GLY A 44 -1.47 5.42 -23.05
N PHE A 45 -2.56 4.66 -23.07
CA PHE A 45 -2.48 3.20 -23.03
C PHE A 45 -2.51 2.66 -24.46
N PRO A 46 -1.69 1.63 -24.76
CA PRO A 46 -1.64 1.10 -26.13
C PRO A 46 -2.98 0.60 -26.64
N ASP A 47 -3.18 0.71 -27.94
CA ASP A 47 -4.43 0.23 -28.49
C ASP A 47 -4.48 -1.30 -28.46
N LEU A 48 -5.62 -1.82 -28.01
CA LEU A 48 -5.83 -3.26 -27.87
C LEU A 48 -6.57 -3.91 -29.05
N GLY A 49 -6.91 -3.13 -30.07
CA GLY A 49 -7.50 -3.69 -31.27
C GLY A 49 -9.02 -3.58 -31.29
N ASP A 50 -9.62 -4.12 -32.35
CA ASP A 50 -11.05 -3.90 -32.58
C ASP A 50 -11.95 -5.10 -32.26
N GLY A 51 -11.45 -6.05 -31.48
CA GLY A 51 -12.26 -7.19 -31.08
C GLY A 51 -13.22 -6.87 -29.94
N ASP A 52 -13.95 -7.88 -29.48
CA ASP A 52 -14.78 -7.66 -28.29
C ASP A 52 -13.91 -7.47 -27.02
N LEU A 53 -14.53 -7.07 -25.93
CA LEU A 53 -13.74 -6.71 -24.75
C LEU A 53 -12.96 -7.92 -24.20
N ALA A 54 -13.47 -9.14 -24.34
CA ALA A 54 -12.70 -10.30 -23.89
C ALA A 54 -11.49 -10.54 -24.79
N GLN A 55 -11.60 -10.21 -26.07
CA GLN A 55 -10.47 -10.35 -26.98
C GLN A 55 -9.42 -9.30 -26.59
N CYS A 56 -9.89 -8.12 -26.22
CA CYS A 56 -9.01 -7.02 -25.80
C CYS A 56 -8.29 -7.40 -24.50
N ARG A 57 -9.02 -7.99 -23.55
CA ARG A 57 -8.44 -8.45 -22.30
C ARG A 57 -7.32 -9.46 -22.56
N GLU A 58 -7.52 -10.37 -23.51
CA GLU A 58 -6.48 -11.35 -23.83
C GLU A 58 -5.30 -10.70 -24.54
N ARG A 59 -5.55 -9.67 -25.35
CA ARG A 59 -4.45 -8.96 -26.02
C ARG A 59 -3.63 -8.23 -24.96
N PHE A 60 -4.34 -7.67 -23.99
CA PHE A 60 -3.72 -6.96 -22.87
C PHE A 60 -2.81 -7.98 -22.15
N ARG A 61 -3.39 -9.13 -21.75
CA ARG A 61 -2.65 -10.16 -21.03
C ARG A 61 -1.42 -10.66 -21.81
N SER A 62 -1.60 -10.94 -23.10
CA SER A 62 -0.54 -11.58 -23.86
C SER A 62 0.55 -10.62 -24.33
N ASP A 63 0.18 -9.40 -24.73
CA ASP A 63 1.13 -8.52 -25.39
C ASP A 63 1.47 -7.28 -24.58
N PHE A 64 0.64 -6.91 -23.60
CA PHE A 64 0.83 -5.66 -22.87
C PHE A 64 0.83 -5.84 -21.36
N ASP A 65 1.22 -7.01 -20.88
CA ASP A 65 1.10 -7.27 -19.46
C ASP A 65 2.00 -6.38 -18.61
N HIS A 66 3.11 -5.93 -19.17
CA HIS A 66 3.97 -5.01 -18.42
C HIS A 66 3.25 -3.70 -18.11
N TRP A 67 2.25 -3.34 -18.89
CA TRP A 67 1.49 -2.13 -18.64
C TRP A 67 0.58 -2.31 -17.41
N ARG A 68 0.04 -3.53 -17.24
CA ARG A 68 -0.76 -3.82 -16.06
C ARG A 68 0.07 -3.62 -14.80
N SER A 69 1.26 -4.19 -14.79
CA SER A 69 2.10 -4.06 -13.61
C SER A 69 2.57 -2.62 -13.39
N ALA A 70 2.83 -1.89 -14.48
CA ALA A 70 3.30 -0.51 -14.35
C ALA A 70 2.27 0.37 -13.64
N ILE A 71 1.01 0.11 -13.91
CA ILE A 71 -0.11 0.85 -13.39
C ILE A 71 -0.60 0.37 -12.03
N ALA A 72 -0.63 -0.95 -11.81
CA ALA A 72 -1.27 -1.51 -10.62
C ALA A 72 -0.32 -2.11 -9.58
N CYS A 73 0.90 -2.49 -9.96
CA CYS A 73 1.86 -2.99 -8.96
C CYS A 73 2.61 -1.81 -8.35
N GLU A 74 3.24 -2.08 -7.21
CA GLU A 74 4.24 -1.12 -6.70
C GLU A 74 5.28 -0.82 -7.77
N PRO A 75 5.89 0.37 -7.75
CA PRO A 75 5.69 1.44 -6.76
C PRO A 75 4.48 2.35 -7.07
N ARG A 76 3.94 2.35 -8.28
CA ARG A 76 2.82 3.26 -8.56
C ARG A 76 1.49 2.79 -7.95
N GLY A 77 1.34 1.49 -7.81
CA GLY A 77 0.11 0.91 -7.32
C GLY A 77 0.35 0.22 -6.00
N SER A 78 -0.43 -0.80 -5.73
CA SER A 78 -0.37 -1.50 -4.45
C SER A 78 -1.15 -2.81 -4.54
N ASP A 79 -1.12 -3.58 -3.45
CA ASP A 79 -1.88 -4.83 -3.35
C ASP A 79 -3.40 -4.61 -3.28
N THR A 80 -3.86 -3.38 -3.07
CA THR A 80 -5.29 -3.11 -3.01
C THR A 80 -5.83 -2.39 -4.24
N MET A 81 -4.93 -1.94 -5.12
CA MET A 81 -5.31 -1.10 -6.24
C MET A 81 -6.00 -1.93 -7.33
N VAL A 82 -7.16 -1.48 -7.82
CA VAL A 82 -7.70 -2.03 -9.07
C VAL A 82 -7.59 -0.96 -10.15
N GLY A 83 -7.02 -1.34 -11.29
CA GLY A 83 -7.01 -0.48 -12.45
C GLY A 83 -8.26 -0.70 -13.29
N ALA A 84 -8.72 0.37 -13.92
CA ALA A 84 -9.87 0.32 -14.81
C ALA A 84 -9.53 1.01 -16.13
N LEU A 85 -9.29 0.22 -17.16
CA LEU A 85 -8.97 0.76 -18.47
C LEU A 85 -10.23 1.06 -19.21
N LEU A 86 -10.49 2.33 -19.53
CA LEU A 86 -11.65 2.68 -20.37
C LEU A 86 -11.39 2.40 -21.85
N LEU A 87 -12.38 1.83 -22.53
CA LEU A 87 -12.32 1.54 -23.97
C LEU A 87 -13.69 1.85 -24.52
N PRO A 88 -13.76 2.15 -25.81
CA PRO A 88 -15.07 2.35 -26.42
C PRO A 88 -15.99 1.13 -26.24
N PRO A 89 -17.25 1.38 -25.90
CA PRO A 89 -18.12 0.23 -25.67
C PRO A 89 -18.45 -0.46 -26.99
N ARG A 90 -18.57 -1.78 -26.97
CA ARG A 90 -19.07 -2.54 -28.11
C ARG A 90 -20.57 -2.78 -28.01
N ASP A 91 -21.06 -2.79 -26.79
CA ASP A 91 -22.48 -2.83 -26.48
C ASP A 91 -22.98 -1.38 -26.54
N PRO A 92 -23.84 -1.06 -27.53
CA PRO A 92 -24.24 0.34 -27.73
C PRO A 92 -25.12 0.90 -26.62
N SER A 93 -25.71 0.04 -25.81
CA SER A 93 -26.46 0.50 -24.66
C SER A 93 -25.56 0.97 -23.48
N ALA A 94 -24.25 0.78 -23.60
CA ALA A 94 -23.31 1.11 -22.54
C ALA A 94 -22.56 2.42 -22.80
N CYS A 95 -22.28 3.15 -21.73
CA CYS A 95 -21.63 4.45 -21.84
C CYS A 95 -20.11 4.32 -21.96
N THR A 96 -19.57 3.19 -21.55
CA THR A 96 -18.16 2.88 -21.73
C THR A 96 -17.94 1.38 -21.61
N GLY A 97 -16.88 0.90 -22.25
CA GLY A 97 -16.31 -0.38 -21.95
C GLY A 97 -15.23 -0.23 -20.89
N VAL A 98 -14.95 -1.31 -20.17
CA VAL A 98 -13.89 -1.31 -19.16
C VAL A 98 -13.24 -2.67 -19.07
N ILE A 99 -11.93 -2.67 -18.84
CA ILE A 99 -11.22 -3.85 -18.39
C ILE A 99 -10.59 -3.54 -17.04
N PHE A 100 -10.98 -4.32 -16.03
CA PHE A 100 -10.43 -4.23 -14.69
C PHE A 100 -9.24 -5.17 -14.52
N PHE A 101 -8.25 -4.72 -13.74
CA PHE A 101 -7.04 -5.47 -13.52
C PHE A 101 -6.45 -5.09 -12.18
N ASN A 102 -5.51 -5.91 -11.70
CA ASN A 102 -4.88 -5.62 -10.42
C ASN A 102 -3.43 -6.04 -10.45
N ASN A 103 -2.80 -6.12 -9.28
CA ASN A 103 -1.38 -6.38 -9.27
C ASN A 103 -0.98 -7.79 -9.58
N VAL A 104 -1.95 -8.70 -9.78
CA VAL A 104 -1.58 -10.05 -10.19
C VAL A 104 -2.18 -10.46 -11.53
N GLY A 105 -3.30 -9.88 -11.92
CA GLY A 105 -3.90 -10.27 -13.18
C GLY A 105 -5.11 -9.49 -13.61
N TYR A 106 -6.01 -10.16 -14.33
CA TYR A 106 -7.16 -9.50 -14.97
C TYR A 106 -8.45 -10.01 -14.38
N LEU A 107 -9.39 -9.11 -14.19
CA LEU A 107 -10.67 -9.42 -13.58
C LEU A 107 -11.75 -9.49 -14.67
N GLY A 108 -12.96 -9.79 -14.23
CA GLY A 108 -14.14 -9.69 -15.06
C GLY A 108 -14.94 -8.48 -14.63
N MET A 109 -15.88 -8.71 -13.73
CA MET A 109 -16.59 -7.61 -13.09
C MET A 109 -15.87 -7.14 -11.82
N CYS A 110 -16.17 -5.92 -11.40
CA CYS A 110 -15.59 -5.38 -10.18
C CYS A 110 -16.56 -4.31 -9.64
N GLY A 111 -17.26 -4.64 -8.57
CA GLY A 111 -18.23 -3.73 -8.01
C GLY A 111 -17.70 -2.35 -7.60
N HIS A 112 -16.71 -2.33 -6.73
CA HIS A 112 -16.25 -1.05 -6.22
C HIS A 112 -15.60 -0.25 -7.36
N GLY A 113 -14.93 -0.94 -8.27
CA GLY A 113 -14.32 -0.30 -9.41
C GLY A 113 -15.33 0.28 -10.37
N THR A 114 -16.50 -0.37 -10.47
CA THR A 114 -17.58 0.14 -11.32
C THR A 114 -18.18 1.42 -10.75
N ILE A 115 -18.36 1.46 -9.43
CA ILE A 115 -18.77 2.67 -8.75
C ILE A 115 -17.75 3.78 -8.99
N GLY A 116 -16.46 3.44 -8.92
CA GLY A 116 -15.42 4.42 -9.22
C GLY A 116 -15.46 4.96 -10.64
N VAL A 117 -15.64 4.07 -11.61
CA VAL A 117 -15.72 4.44 -13.00
C VAL A 117 -16.90 5.40 -13.21
N VAL A 118 -18.05 5.05 -12.66
CA VAL A 118 -19.24 5.87 -12.83
C VAL A 118 -19.03 7.27 -12.29
N ARG A 119 -18.51 7.36 -11.07
CA ARG A 119 -18.27 8.67 -10.48
C ARG A 119 -17.20 9.46 -11.24
N THR A 120 -16.19 8.76 -11.78
CA THR A 120 -15.16 9.42 -12.55
C THR A 120 -15.74 10.00 -13.82
N LEU A 121 -16.54 9.21 -14.53
CA LEU A 121 -17.16 9.69 -15.74
C LEU A 121 -18.05 10.90 -15.44
N ALA A 122 -18.76 10.85 -14.33
CA ALA A 122 -19.67 11.95 -13.95
C ALA A 122 -18.88 13.23 -13.66
N GLU A 123 -17.78 13.09 -12.93
CA GLU A 123 -16.97 14.27 -12.58
C GLU A 123 -16.28 14.87 -13.81
N LEU A 124 -16.04 14.04 -14.83
CA LEU A 124 -15.47 14.49 -16.09
C LEU A 124 -16.52 15.13 -17.02
N GLY A 125 -17.78 15.10 -16.60
CA GLY A 125 -18.86 15.62 -17.41
C GLY A 125 -19.33 14.72 -18.53
N ARG A 126 -18.94 13.45 -18.51
CA ARG A 126 -19.22 12.54 -19.63
C ARG A 126 -20.60 11.87 -19.49
N ILE A 127 -21.09 11.76 -18.26
CA ILE A 127 -22.45 11.28 -17.99
C ILE A 127 -23.10 12.13 -16.92
N ALA A 128 -24.42 12.11 -16.93
CA ALA A 128 -25.24 12.84 -15.99
C ALA A 128 -26.01 11.84 -15.14
N PRO A 129 -26.64 12.30 -14.05
CA PRO A 129 -27.44 11.39 -13.22
C PRO A 129 -28.52 10.63 -14.01
N GLY A 130 -28.84 9.43 -13.56
CA GLY A 130 -29.82 8.58 -14.22
C GLY A 130 -29.27 7.18 -14.37
N GLN A 131 -29.96 6.38 -15.18
CA GLN A 131 -29.54 5.00 -15.42
C GLN A 131 -28.48 4.94 -16.50
N HIS A 132 -27.51 4.04 -16.32
CA HIS A 132 -26.47 3.78 -17.32
C HIS A 132 -26.10 2.30 -17.30
N ARG A 133 -25.25 1.91 -18.23
CA ARG A 133 -24.74 0.55 -18.27
C ARG A 133 -23.24 0.60 -18.54
N ILE A 134 -22.51 -0.33 -17.93
CA ILE A 134 -21.07 -0.41 -18.05
C ILE A 134 -20.72 -1.78 -18.63
N GLU A 135 -20.03 -1.80 -19.75
CA GLU A 135 -19.69 -3.06 -20.38
C GLU A 135 -18.33 -3.56 -19.90
N THR A 136 -18.30 -4.82 -19.47
CA THR A 136 -17.04 -5.48 -19.10
C THR A 136 -16.82 -6.68 -20.03
N PRO A 137 -15.63 -7.29 -19.95
CA PRO A 137 -15.38 -8.50 -20.78
C PRO A 137 -16.34 -9.63 -20.54
N VAL A 138 -17.01 -9.65 -19.39
CA VAL A 138 -17.90 -10.78 -19.07
C VAL A 138 -19.37 -10.38 -19.02
N GLY A 139 -19.70 -9.21 -19.57
CA GLY A 139 -21.07 -8.79 -19.70
C GLY A 139 -21.28 -7.35 -19.27
N THR A 140 -22.52 -6.89 -19.40
CA THR A 140 -22.84 -5.49 -19.12
C THR A 140 -23.62 -5.35 -17.83
N VAL A 141 -23.18 -4.40 -17.00
CA VAL A 141 -23.72 -4.21 -15.65
C VAL A 141 -24.60 -2.96 -15.63
N GLY A 142 -25.79 -3.08 -15.06
CA GLY A 142 -26.67 -1.93 -14.91
C GLY A 142 -26.31 -1.14 -13.67
N VAL A 143 -26.28 0.19 -13.80
CA VAL A 143 -25.93 1.07 -12.69
C VAL A 143 -26.89 2.25 -12.69
N ALA A 144 -26.93 2.97 -11.58
CA ALA A 144 -27.70 4.19 -11.52
C ALA A 144 -26.91 5.21 -10.76
N LEU A 145 -26.90 6.45 -11.27
CA LEU A 145 -26.20 7.55 -10.64
C LEU A 145 -27.24 8.52 -10.12
N ALA A 146 -27.25 8.73 -8.81
CA ALA A 146 -28.20 9.66 -8.21
C ALA A 146 -27.69 11.08 -8.29
N ASP A 147 -28.60 12.05 -8.14
CA ASP A 147 -28.21 13.46 -8.12
C ASP A 147 -27.15 13.76 -7.06
N ASP A 148 -27.18 13.06 -5.93
CA ASP A 148 -26.18 13.32 -4.88
C ASP A 148 -24.90 12.51 -5.05
N GLY A 149 -24.79 11.79 -6.16
CA GLY A 149 -23.57 11.09 -6.48
C GLY A 149 -23.52 9.63 -6.07
N THR A 150 -24.52 9.18 -5.33
CA THR A 150 -24.65 7.77 -4.96
C THR A 150 -24.76 6.91 -6.21
N VAL A 151 -24.00 5.82 -6.27
CA VAL A 151 -24.05 4.90 -7.40
C VAL A 151 -24.63 3.58 -6.91
N SER A 152 -25.69 3.12 -7.56
CA SER A 152 -26.24 1.81 -7.28
C SER A 152 -25.86 0.86 -8.39
N ILE A 153 -25.51 -0.35 -8.02
CA ILE A 153 -25.16 -1.35 -9.03
C ILE A 153 -25.94 -2.63 -8.78
N ASP A 154 -26.28 -3.33 -9.87
CA ASP A 154 -26.94 -4.61 -9.73
C ASP A 154 -25.88 -5.69 -9.57
N ASN A 155 -25.90 -6.38 -8.43
CA ASN A 155 -25.01 -7.53 -8.21
C ASN A 155 -25.57 -8.78 -8.87
N VAL A 156 -24.70 -9.74 -9.19
CA VAL A 156 -25.18 -11.01 -9.71
C VAL A 156 -26.03 -11.76 -8.69
N GLU A 157 -26.86 -12.68 -9.19
CA GLU A 157 -27.73 -13.46 -8.30
C GLU A 157 -26.92 -14.14 -7.21
N SER A 158 -27.43 -14.05 -5.99
CA SER A 158 -26.71 -14.54 -4.80
C SER A 158 -27.61 -15.50 -4.04
N TYR A 159 -27.00 -16.45 -3.35
CA TYR A 159 -27.80 -17.41 -2.60
C TYR A 159 -26.96 -18.07 -1.52
N ARG A 160 -27.62 -18.74 -0.58
CA ARG A 160 -26.89 -19.48 0.47
C ARG A 160 -26.82 -20.96 0.14
N HIS A 161 -25.60 -21.49 0.19
CA HIS A 161 -25.34 -22.89 -0.15
C HIS A 161 -25.48 -23.80 1.08
N ALA A 162 -24.99 -23.34 2.22
CA ALA A 162 -25.05 -24.12 3.44
C ALA A 162 -25.10 -23.18 4.65
N ALA A 163 -25.84 -23.59 5.68
CA ALA A 163 -25.98 -22.80 6.90
C ALA A 163 -25.38 -23.52 8.09
N GLY A 164 -24.70 -22.77 8.97
CA GLY A 164 -24.26 -23.32 10.23
C GLY A 164 -23.18 -24.37 10.11
N VAL A 165 -22.31 -24.17 9.12
CA VAL A 165 -21.14 -25.01 8.94
C VAL A 165 -20.10 -24.71 10.01
N GLU A 166 -19.54 -25.75 10.63
CA GLU A 166 -18.56 -25.57 11.70
C GLU A 166 -17.17 -26.06 11.28
N VAL A 167 -16.15 -25.29 11.62
CA VAL A 167 -14.79 -25.71 11.35
C VAL A 167 -13.93 -25.42 12.56
N ASP A 168 -13.01 -26.34 12.88
CA ASP A 168 -12.10 -26.11 14.00
C ASP A 168 -10.87 -25.36 13.48
N VAL A 169 -10.63 -24.17 14.04
CA VAL A 169 -9.57 -23.30 13.55
C VAL A 169 -8.41 -23.32 14.55
N PRO A 170 -7.26 -23.88 14.14
CA PRO A 170 -6.07 -23.93 15.00
C PRO A 170 -5.69 -22.58 15.59
N GLY A 171 -5.35 -22.58 16.87
CA GLY A 171 -4.98 -21.36 17.57
C GLY A 171 -6.17 -20.51 17.99
N HIS A 172 -7.39 -20.95 17.64
CA HIS A 172 -8.59 -20.18 17.93
C HIS A 172 -9.67 -21.02 18.59
N GLY A 173 -10.24 -21.96 17.84
CA GLY A 173 -11.29 -22.81 18.35
C GLY A 173 -12.33 -23.09 17.26
N ARG A 174 -13.51 -23.54 17.67
CA ARG A 174 -14.60 -23.82 16.75
C ARG A 174 -15.22 -22.53 16.24
N VAL A 175 -15.40 -22.45 14.92
CA VAL A 175 -16.01 -21.28 14.28
C VAL A 175 -17.15 -21.76 13.41
N ARG A 176 -18.32 -21.13 13.58
CA ARG A 176 -19.51 -21.42 12.78
C ARG A 176 -19.83 -20.34 11.78
N GLY A 177 -20.31 -20.73 10.60
CA GLY A 177 -20.71 -19.72 9.63
C GLY A 177 -21.54 -20.27 8.50
N ASP A 178 -21.97 -19.38 7.62
CA ASP A 178 -22.73 -19.77 6.44
C ASP A 178 -21.79 -19.77 5.23
N VAL A 179 -22.11 -20.61 4.25
CA VAL A 179 -21.40 -20.59 2.98
C VAL A 179 -22.37 -20.09 1.92
N ALA A 180 -21.98 -19.02 1.25
CA ALA A 180 -22.90 -18.32 0.38
C ALA A 180 -22.16 -17.71 -0.80
N TRP A 181 -22.88 -17.59 -1.92
CA TRP A 181 -22.34 -17.04 -3.14
C TRP A 181 -22.92 -15.65 -3.34
N GLY A 182 -22.03 -14.66 -3.53
CA GLY A 182 -22.41 -13.30 -3.89
C GLY A 182 -21.73 -12.84 -5.19
N GLY A 183 -21.29 -13.79 -6.00
CA GLY A 183 -20.46 -13.50 -7.16
C GLY A 183 -19.04 -13.97 -6.89
N ASN A 184 -18.80 -14.30 -5.62
CA ASN A 184 -17.62 -15.05 -5.14
C ASN A 184 -18.13 -15.96 -4.04
N TRP A 185 -17.36 -16.98 -3.67
CA TRP A 185 -17.71 -17.82 -2.54
C TRP A 185 -17.19 -17.26 -1.22
N PHE A 186 -18.10 -17.09 -0.26
CA PHE A 186 -17.85 -16.59 1.07
C PHE A 186 -18.22 -17.59 2.16
N PHE A 187 -17.39 -17.62 3.20
CA PHE A 187 -17.74 -18.17 4.49
C PHE A 187 -18.00 -16.96 5.39
N ILE A 188 -19.21 -16.88 5.94
CA ILE A 188 -19.63 -15.71 6.72
C ILE A 188 -19.87 -16.14 8.16
N THR A 189 -19.04 -15.61 9.05
CA THR A 189 -19.17 -15.93 10.47
C THR A 189 -19.45 -14.66 11.26
N GLU A 190 -20.11 -14.80 12.39
CA GLU A 190 -20.31 -13.68 13.31
C GLU A 190 -19.24 -13.58 14.40
N GLN A 191 -18.34 -14.56 14.42
CA GLN A 191 -17.36 -14.70 15.49
C GLN A 191 -16.03 -14.05 15.13
N ALA A 192 -15.49 -13.26 16.05
CA ALA A 192 -14.16 -12.74 15.88
C ALA A 192 -13.49 -12.67 17.23
N PRO A 193 -12.15 -12.72 17.23
CA PRO A 193 -11.38 -12.70 18.48
C PRO A 193 -11.02 -11.30 18.94
N CYS A 194 -11.60 -10.27 18.30
CA CYS A 194 -11.29 -8.89 18.65
C CYS A 194 -12.34 -7.98 18.05
N ALA A 195 -12.25 -6.68 18.35
CA ALA A 195 -13.16 -5.70 17.74
C ALA A 195 -12.91 -5.58 16.23
N LEU A 196 -13.96 -5.24 15.48
CA LEU A 196 -13.84 -4.97 14.07
C LEU A 196 -13.50 -3.50 13.82
N GLY A 197 -12.21 -3.21 13.83
CA GLY A 197 -11.70 -1.88 13.55
C GLY A 197 -10.36 -1.99 12.81
N LEU A 198 -9.98 -0.91 12.12
CA LEU A 198 -8.72 -0.84 11.40
C LEU A 198 -7.53 -1.17 12.30
N ALA A 199 -7.59 -0.76 13.57
CA ALA A 199 -6.48 -1.03 14.49
C ALA A 199 -6.23 -2.52 14.72
N GLN A 200 -7.24 -3.34 14.43
CA GLN A 200 -7.16 -4.80 14.58
C GLN A 200 -6.92 -5.58 13.27
N GLN A 201 -6.59 -4.89 12.17
CA GLN A 201 -6.59 -5.53 10.87
C GLN A 201 -5.61 -6.71 10.79
N ARG A 202 -4.44 -6.58 11.40
CA ARG A 202 -3.45 -7.66 11.33
C ARG A 202 -3.96 -8.91 12.03
N GLU A 203 -4.56 -8.75 13.21
CA GLU A 203 -5.15 -9.87 13.93
C GLU A 203 -6.31 -10.51 13.16
N LEU A 204 -7.16 -9.66 12.58
CA LEU A 204 -8.29 -10.12 11.80
C LEU A 204 -7.85 -10.85 10.52
N THR A 205 -6.80 -10.35 9.91
CA THR A 205 -6.20 -10.99 8.73
C THR A 205 -5.68 -12.37 9.06
N ALA A 206 -4.94 -12.50 10.16
CA ALA A 206 -4.40 -13.81 10.56
C ALA A 206 -5.51 -14.80 10.88
N TYR A 207 -6.57 -14.32 11.54
CA TYR A 207 -7.66 -15.17 11.98
C TYR A 207 -8.45 -15.68 10.78
N THR A 208 -8.81 -14.76 9.90
CA THR A 208 -9.53 -15.14 8.68
C THR A 208 -8.69 -16.03 7.77
N GLU A 209 -7.38 -15.81 7.71
CA GLU A 209 -6.53 -16.69 6.89
C GLU A 209 -6.56 -18.10 7.48
N ALA A 210 -6.57 -18.19 8.81
CA ALA A 210 -6.60 -19.50 9.47
C ALA A 210 -7.94 -20.21 9.19
N ILE A 211 -9.03 -19.43 9.14
CA ILE A 211 -10.33 -19.98 8.80
C ILE A 211 -10.28 -20.53 7.37
N ARG A 212 -9.73 -19.73 6.44
CA ARG A 212 -9.68 -20.16 5.05
C ARG A 212 -8.94 -21.49 4.93
N LEU A 213 -7.77 -21.59 5.56
CA LEU A 213 -6.97 -22.81 5.50
C LEU A 213 -7.69 -24.00 6.12
N ALA A 214 -8.39 -23.76 7.22
CA ALA A 214 -9.08 -24.82 7.93
C ALA A 214 -10.24 -25.35 7.11
N LEU A 215 -10.93 -24.46 6.39
CA LEU A 215 -12.02 -24.87 5.52
C LEU A 215 -11.46 -25.76 4.42
N GLU A 216 -10.39 -25.31 3.77
CA GLU A 216 -9.75 -26.09 2.71
C GLU A 216 -9.37 -27.48 3.22
N ALA A 217 -8.74 -27.52 4.40
CA ALA A 217 -8.28 -28.78 4.99
C ALA A 217 -9.44 -29.71 5.30
N ALA A 218 -10.57 -29.12 5.66
CA ALA A 218 -11.73 -29.90 6.03
C ALA A 218 -12.54 -30.33 4.81
N GLY A 219 -12.16 -29.85 3.63
CA GLY A 219 -12.89 -30.13 2.40
C GLY A 219 -14.22 -29.41 2.30
N ILE A 220 -14.37 -28.31 3.02
CA ILE A 220 -15.58 -27.51 2.94
C ILE A 220 -15.50 -26.51 1.77
N THR A 221 -16.45 -26.65 0.85
CA THR A 221 -16.47 -25.88 -0.39
C THR A 221 -17.85 -25.32 -0.68
N GLY A 222 -17.95 -24.50 -1.71
CA GLY A 222 -19.24 -24.10 -2.21
C GLY A 222 -19.77 -25.21 -3.10
N GLU A 223 -20.85 -24.90 -3.83
CA GLU A 223 -21.43 -25.82 -4.77
C GLU A 223 -20.41 -26.28 -5.81
N ALA A 224 -20.51 -27.55 -6.22
CA ALA A 224 -19.63 -28.12 -7.23
C ALA A 224 -18.15 -27.96 -6.89
N GLY A 225 -17.84 -27.99 -5.60
CA GLY A 225 -16.46 -27.96 -5.13
C GLY A 225 -15.78 -26.60 -5.16
N GLY A 226 -16.55 -25.54 -5.39
CA GLY A 226 -16.01 -24.20 -5.46
C GLY A 226 -15.20 -23.79 -4.24
N GLU A 227 -13.98 -23.33 -4.46
CA GLU A 227 -13.09 -22.96 -3.36
C GLU A 227 -13.63 -21.75 -2.63
N ILE A 228 -13.68 -21.81 -1.30
CA ILE A 228 -14.10 -20.68 -0.52
C ILE A 228 -12.89 -19.78 -0.27
N ASP A 229 -12.72 -18.77 -1.11
CA ASP A 229 -11.52 -17.94 -1.09
C ASP A 229 -11.77 -16.53 -0.54
N HIS A 230 -12.98 -16.27 -0.08
CA HIS A 230 -13.30 -15.03 0.60
C HIS A 230 -13.87 -15.39 1.95
N ILE A 231 -13.37 -14.74 3.01
CA ILE A 231 -13.85 -14.93 4.36
C ILE A 231 -14.42 -13.63 4.87
N GLU A 232 -15.65 -13.69 5.35
CA GLU A 232 -16.34 -12.51 5.89
C GLU A 232 -16.72 -12.69 7.34
N ILE A 233 -16.27 -11.76 8.18
CA ILE A 233 -16.84 -11.63 9.51
C ILE A 233 -17.95 -10.60 9.45
N SER A 234 -19.14 -11.04 9.84
CA SER A 234 -20.32 -10.18 9.87
C SER A 234 -20.65 -9.87 11.32
N GLY A 235 -20.15 -8.72 11.77
CA GLY A 235 -20.29 -8.34 13.16
C GLY A 235 -20.93 -6.99 13.35
N VAL A 236 -20.45 -6.28 14.36
CA VAL A 236 -21.01 -4.98 14.70
C VAL A 236 -19.89 -3.96 14.87
N ALA A 237 -20.22 -2.69 14.68
CA ALA A 237 -19.26 -1.64 14.96
C ALA A 237 -18.93 -1.65 16.45
N PRO A 238 -17.65 -1.43 16.80
CA PRO A 238 -17.25 -1.54 18.21
C PRO A 238 -17.53 -0.30 19.04
N ASP A 239 -18.55 0.46 18.67
CA ASP A 239 -18.93 1.65 19.42
C ASP A 239 -20.22 1.41 20.23
N GLY A 240 -20.64 0.15 20.32
CA GLY A 240 -21.85 -0.18 21.07
C GLY A 240 -23.15 0.28 20.43
N SER A 241 -23.07 0.75 19.19
CA SER A 241 -24.25 1.21 18.46
C SER A 241 -25.07 0.05 17.93
N GLY A 242 -24.43 -1.11 17.79
CA GLY A 242 -25.09 -2.27 17.23
C GLY A 242 -25.19 -2.20 15.71
N ALA A 243 -24.66 -1.14 15.10
CA ALA A 243 -24.60 -1.04 13.65
C ALA A 243 -23.80 -2.20 13.05
N ALA A 244 -24.32 -2.75 11.96
CA ALA A 244 -23.64 -3.82 11.24
C ALA A 244 -22.31 -3.38 10.63
N ARG A 245 -21.26 -4.14 10.91
CA ARG A 245 -19.95 -3.92 10.34
C ARG A 245 -19.29 -5.25 9.99
N ASN A 246 -18.61 -5.30 8.86
CA ASN A 246 -17.88 -6.50 8.45
C ASN A 246 -16.38 -6.29 8.30
N PHE A 247 -15.71 -7.43 8.18
CA PHE A 247 -14.33 -7.53 7.79
C PHE A 247 -14.30 -8.61 6.71
N VAL A 248 -13.59 -8.33 5.62
CA VAL A 248 -13.53 -9.26 4.50
C VAL A 248 -12.11 -9.47 4.03
N LEU A 249 -11.68 -10.74 4.06
CA LEU A 249 -10.38 -11.16 3.54
C LEU A 249 -10.56 -11.63 2.09
N CYS A 250 -9.85 -10.99 1.18
CA CYS A 250 -9.90 -11.25 -0.24
C CYS A 250 -8.82 -12.25 -0.61
N PRO A 251 -8.92 -12.85 -1.81
CA PRO A 251 -7.97 -13.92 -2.15
C PRO A 251 -6.50 -13.59 -1.98
N GLY A 252 -6.06 -12.37 -2.25
CA GLY A 252 -4.63 -12.10 -2.09
C GLY A 252 -4.11 -11.94 -0.66
N LEU A 253 -4.92 -12.34 0.32
CA LEU A 253 -4.65 -12.05 1.74
C LEU A 253 -4.71 -10.55 2.07
N ALA A 254 -5.33 -9.75 1.21
CA ALA A 254 -5.53 -8.35 1.53
C ALA A 254 -6.98 -8.19 1.99
N TYR A 255 -7.19 -7.36 2.99
CA TYR A 255 -8.55 -7.10 3.41
C TYR A 255 -9.20 -6.04 2.49
N ASP A 256 -10.53 -6.12 2.35
CA ASP A 256 -11.26 -5.11 1.58
C ASP A 256 -11.42 -3.89 2.47
N ARG A 257 -11.00 -2.73 1.98
CA ARG A 257 -11.23 -1.50 2.72
C ARG A 257 -12.71 -1.12 2.71
N SER A 258 -13.45 -1.54 1.68
CA SER A 258 -14.89 -1.29 1.59
C SER A 258 -15.70 -2.40 2.25
N PRO A 259 -17.03 -2.22 2.32
CA PRO A 259 -17.91 -3.25 2.87
C PRO A 259 -18.04 -4.48 1.96
N CYS A 260 -17.48 -4.39 0.76
CA CYS A 260 -17.42 -5.48 -0.23
C CYS A 260 -18.80 -5.76 -0.85
N GLY A 261 -18.96 -5.39 -2.11
CA GLY A 261 -20.24 -5.57 -2.78
C GLY A 261 -20.70 -7.03 -2.81
N THR A 262 -19.84 -7.92 -3.30
CA THR A 262 -20.21 -9.33 -3.39
C THR A 262 -20.41 -9.95 -2.00
N GLY A 263 -19.58 -9.52 -1.04
CA GLY A 263 -19.68 -10.00 0.33
C GLY A 263 -20.95 -9.53 1.04
N THR A 264 -21.36 -8.30 0.75
CA THR A 264 -22.59 -7.75 1.28
C THR A 264 -23.78 -8.44 0.61
N SER A 265 -23.69 -8.66 -0.68
CA SER A 265 -24.72 -9.42 -1.41
C SER A 265 -24.87 -10.82 -0.83
N ALA A 266 -23.74 -11.49 -0.54
CA ALA A 266 -23.80 -12.81 0.08
C ALA A 266 -24.46 -12.75 1.48
N LYS A 267 -24.14 -11.70 2.24
CA LYS A 267 -24.83 -11.48 3.52
C LYS A 267 -26.34 -11.30 3.34
N LEU A 268 -26.75 -10.45 2.39
CA LEU A 268 -28.19 -10.26 2.13
C LEU A 268 -28.87 -11.60 1.80
N ALA A 269 -28.19 -12.46 1.04
CA ALA A 269 -28.74 -13.76 0.70
C ALA A 269 -29.05 -14.56 1.96
N CYS A 270 -28.17 -14.49 2.95
CA CYS A 270 -28.36 -15.23 4.20
C CYS A 270 -29.50 -14.61 4.99
N LEU A 271 -29.52 -13.29 5.10
CA LEU A 271 -30.63 -12.62 5.79
C LEU A 271 -31.96 -12.98 5.14
N ALA A 272 -32.00 -12.95 3.82
CA ALA A 272 -33.23 -13.30 3.12
C ALA A 272 -33.64 -14.74 3.39
N ALA A 273 -32.68 -15.66 3.35
CA ALA A 273 -33.00 -17.08 3.56
C ALA A 273 -33.51 -17.33 4.99
N ASP A 274 -33.02 -16.55 5.95
CA ASP A 274 -33.46 -16.72 7.34
C ASP A 274 -34.71 -15.91 7.65
N GLY A 275 -35.17 -15.12 6.69
CA GLY A 275 -36.40 -14.37 6.84
C GLY A 275 -36.21 -13.13 7.70
N LYS A 276 -34.98 -12.63 7.71
CA LYS A 276 -34.60 -11.52 8.59
C LYS A 276 -34.57 -10.18 7.87
N LEU A 277 -34.61 -10.20 6.54
CA LEU A 277 -34.67 -8.98 5.73
C LEU A 277 -35.67 -9.21 4.62
N ALA A 278 -36.59 -8.26 4.45
CA ALA A 278 -37.65 -8.37 3.47
C ALA A 278 -37.26 -7.79 2.11
N GLU A 279 -37.92 -8.26 1.08
CA GLU A 279 -37.71 -7.73 -0.25
C GLU A 279 -37.90 -6.21 -0.22
N GLY A 280 -36.97 -5.45 -0.79
CA GLY A 280 -37.12 -4.01 -0.84
C GLY A 280 -36.62 -3.26 0.39
N GLU A 281 -36.49 -3.96 1.52
CA GLU A 281 -36.05 -3.33 2.76
C GLU A 281 -34.54 -3.00 2.72
N ARG A 282 -34.16 -1.81 3.18
CA ARG A 282 -32.76 -1.37 3.15
C ARG A 282 -31.92 -1.99 4.26
N TRP A 283 -30.72 -2.43 3.89
CA TRP A 283 -29.76 -2.96 4.86
C TRP A 283 -28.50 -2.11 4.79
N LEU A 284 -28.09 -1.52 5.93
CA LEU A 284 -26.87 -0.74 5.97
C LEU A 284 -25.72 -1.60 6.45
N GLN A 285 -24.67 -1.64 5.66
CA GLN A 285 -23.50 -2.47 5.96
C GLN A 285 -22.25 -1.58 6.02
N GLN A 286 -21.69 -1.39 7.22
CA GLN A 286 -20.35 -0.83 7.32
C GLN A 286 -19.30 -1.87 6.98
N GLY A 287 -18.16 -1.42 6.48
CA GLY A 287 -16.99 -2.25 6.37
C GLY A 287 -16.00 -1.86 7.45
N ILE A 288 -14.80 -2.42 7.37
CA ILE A 288 -13.85 -2.34 8.46
C ILE A 288 -13.49 -0.89 8.83
N LEU A 289 -13.60 0.02 7.87
CA LEU A 289 -13.21 1.43 8.09
C LEU A 289 -14.40 2.27 8.60
N GLY A 290 -15.58 1.66 8.68
CA GLY A 290 -16.76 2.39 9.14
C GLY A 290 -17.53 3.08 8.03
N SER A 291 -16.97 3.13 6.81
CA SER A 291 -17.73 3.56 5.62
C SER A 291 -18.76 2.50 5.34
N ALA A 292 -19.76 2.80 4.51
CA ALA A 292 -20.88 1.91 4.42
C ALA A 292 -21.48 1.83 3.02
N PHE A 293 -22.10 0.68 2.77
CA PHE A 293 -22.92 0.46 1.58
C PHE A 293 -24.35 0.26 2.02
N GLU A 294 -25.28 0.53 1.11
CA GLU A 294 -26.68 0.19 1.31
C GLU A 294 -26.97 -1.01 0.44
N GLY A 295 -27.69 -1.98 0.98
CA GLY A 295 -28.07 -3.14 0.20
C GLY A 295 -29.57 -3.38 0.25
N SER A 296 -30.13 -3.89 -0.85
CA SER A 296 -31.49 -4.40 -0.86
C SER A 296 -31.57 -5.48 -1.93
N TYR A 297 -32.69 -6.18 -1.99
CA TYR A 297 -32.84 -7.26 -2.95
C TYR A 297 -34.29 -7.50 -3.37
N ARG A 298 -34.45 -8.13 -4.53
CA ARG A 298 -35.73 -8.74 -4.93
C ARG A 298 -35.51 -10.26 -4.97
N HIS A 299 -36.53 -11.05 -4.61
CA HIS A 299 -36.42 -12.50 -4.67
C HIS A 299 -36.22 -12.86 -6.14
N SER A 300 -35.31 -13.79 -6.41
CA SER A 300 -35.03 -14.22 -7.78
C SER A 300 -34.56 -15.67 -7.79
N GLY A 301 -35.36 -16.54 -8.37
CA GLY A 301 -35.08 -17.98 -8.38
C GLY A 301 -34.89 -18.53 -6.98
N ARG A 302 -33.79 -19.25 -6.78
CA ARG A 302 -33.52 -19.91 -5.51
C ARG A 302 -32.84 -18.94 -4.55
N GLY A 303 -32.56 -17.74 -5.03
CA GLY A 303 -31.86 -16.76 -4.23
C GLY A 303 -32.43 -15.38 -4.42
N ILE A 304 -31.53 -14.40 -4.52
CA ILE A 304 -31.90 -13.00 -4.56
C ILE A 304 -31.18 -12.26 -5.67
N ALA A 305 -31.80 -11.17 -6.12
CA ALA A 305 -31.13 -10.22 -7.01
C ALA A 305 -30.78 -8.98 -6.18
N PRO A 306 -29.52 -8.85 -5.80
CA PRO A 306 -29.16 -7.75 -4.90
C PRO A 306 -28.83 -6.46 -5.61
N ARG A 307 -29.07 -5.34 -4.94
CA ARG A 307 -28.70 -4.01 -5.42
C ARG A 307 -27.82 -3.40 -4.34
N ILE A 308 -26.62 -2.97 -4.73
CA ILE A 308 -25.66 -2.38 -3.81
C ILE A 308 -25.43 -0.90 -4.17
N SER A 309 -25.52 -0.03 -3.16
N SER A 309 -25.53 -0.01 -3.18
CA SER A 309 -25.35 1.41 -3.34
CA SER A 309 -25.28 1.39 -3.45
C SER A 309 -24.15 1.89 -2.51
C SER A 309 -24.19 1.92 -2.53
N GLY A 310 -23.32 2.74 -3.10
CA GLY A 310 -22.18 3.29 -2.38
C GLY A 310 -21.72 4.60 -2.98
N HIS A 311 -20.71 5.20 -2.36
CA HIS A 311 -20.17 6.48 -2.80
C HIS A 311 -18.71 6.30 -3.18
N ALA A 312 -18.27 7.12 -4.14
CA ALA A 312 -16.85 7.19 -4.47
C ALA A 312 -16.46 8.65 -4.60
N PHE A 313 -15.19 8.94 -4.31
CA PHE A 313 -14.66 10.28 -4.34
C PHE A 313 -13.32 10.24 -5.05
N ILE A 314 -13.10 11.24 -5.90
CA ILE A 314 -11.86 11.37 -6.65
C ILE A 314 -10.79 11.84 -5.66
N THR A 315 -9.63 11.19 -5.72
CA THR A 315 -8.53 11.47 -4.84
C THR A 315 -7.31 12.10 -5.50
N ALA A 316 -7.18 11.96 -6.81
CA ALA A 316 -6.03 12.51 -7.52
C ALA A 316 -6.24 12.47 -9.02
N ARG A 317 -5.68 13.43 -9.71
CA ARG A 317 -5.49 13.30 -11.17
C ARG A 317 -3.98 13.29 -11.42
N SER A 318 -3.53 12.30 -12.18
CA SER A 318 -2.11 12.04 -12.30
C SER A 318 -1.67 11.75 -13.71
N GLN A 319 -0.43 12.07 -13.98
CA GLN A 319 0.25 11.48 -15.12
C GLN A 319 1.26 10.51 -14.58
N LEU A 320 1.04 9.22 -14.82
CA LEU A 320 2.06 8.23 -14.52
C LEU A 320 3.17 8.43 -15.51
N LEU A 321 4.40 8.31 -15.04
CA LEU A 321 5.58 8.56 -15.84
C LEU A 321 6.49 7.33 -15.80
N ILE A 322 6.85 6.84 -16.98
CA ILE A 322 7.63 5.61 -17.07
C ILE A 322 8.99 5.94 -17.68
N ASP A 323 10.01 5.98 -16.82
CA ASP A 323 11.38 6.29 -17.22
C ASP A 323 12.07 5.02 -17.68
N PRO A 324 12.52 4.97 -18.96
CA PRO A 324 13.16 3.75 -19.46
C PRO A 324 14.41 3.33 -18.69
N ALA A 325 15.07 4.26 -17.99
CA ALA A 325 16.26 3.92 -17.18
C ALA A 325 15.90 3.31 -15.82
N ASP A 326 14.64 3.43 -15.41
CA ASP A 326 14.16 2.92 -14.12
C ASP A 326 14.09 1.40 -14.14
N PRO A 327 14.83 0.72 -13.24
CA PRO A 327 14.79 -0.76 -13.20
C PRO A 327 13.40 -1.31 -12.90
N PHE A 328 12.59 -0.51 -12.24
CA PHE A 328 11.22 -0.88 -11.92
C PHE A 328 10.23 -0.07 -12.75
N ALA A 329 10.66 0.39 -13.92
CA ALA A 329 9.80 1.17 -14.82
C ALA A 329 8.42 0.52 -14.97
N TRP A 330 8.41 -0.78 -15.17
CA TRP A 330 7.15 -1.47 -15.45
C TRP A 330 6.60 -2.18 -14.23
N GLY A 331 7.01 -1.73 -13.04
CA GLY A 331 6.52 -2.27 -11.80
C GLY A 331 7.43 -3.31 -11.18
N ILE A 332 7.25 -3.48 -9.87
CA ILE A 332 7.96 -4.48 -9.09
C ILE A 332 7.16 -5.78 -9.15
N VAL A 333 7.81 -6.83 -9.64
CA VAL A 333 7.17 -8.11 -9.81
C VAL A 333 8.10 -9.20 -9.29
N ALA A 334 7.57 -10.15 -8.53
CA ALA A 334 8.41 -11.25 -8.05
C ALA A 334 8.80 -12.10 -9.25
N HIS B 24 -9.47 21.25 -2.26
CA HIS B 24 -8.05 21.59 -2.16
C HIS B 24 -7.24 20.78 -3.18
N THR B 25 -6.28 21.43 -3.83
CA THR B 25 -5.38 20.75 -4.75
C THR B 25 -3.95 20.79 -4.24
N ILE B 26 -3.26 19.66 -4.27
CA ILE B 26 -1.86 19.59 -3.84
C ILE B 26 -0.99 19.02 -4.96
N ASP B 27 -0.04 19.82 -5.43
CA ASP B 27 0.85 19.38 -6.52
C ASP B 27 2.01 18.59 -5.94
N VAL B 28 2.20 17.37 -6.45
CA VAL B 28 3.23 16.47 -5.95
C VAL B 28 3.92 15.74 -7.11
N ILE B 29 5.16 15.32 -6.85
CA ILE B 29 5.88 14.41 -7.75
C ILE B 29 6.28 13.20 -6.96
N ASP B 30 5.85 12.03 -7.44
CA ASP B 30 6.16 10.76 -6.81
C ASP B 30 7.39 10.15 -7.47
N SER B 31 8.22 9.51 -6.65
CA SER B 31 9.39 8.81 -7.13
C SER B 31 9.59 7.59 -6.26
N HIS B 32 10.56 6.76 -6.60
CA HIS B 32 11.00 5.69 -5.72
C HIS B 32 12.52 5.71 -5.68
N THR B 33 13.05 5.36 -4.52
CA THR B 33 14.48 5.18 -4.34
C THR B 33 14.73 3.72 -4.08
N ALA B 34 15.28 3.04 -5.10
CA ALA B 34 15.55 1.61 -5.00
C ALA B 34 14.32 0.79 -4.60
N GLY B 35 13.13 1.34 -4.85
CA GLY B 35 11.88 0.64 -4.68
C GLY B 35 10.97 1.27 -3.64
N GLU B 36 11.55 2.14 -2.82
CA GLU B 36 10.86 2.75 -1.67
C GLU B 36 10.38 4.16 -2.03
N PRO B 37 9.06 4.39 -1.96
CA PRO B 37 8.51 5.61 -2.57
C PRO B 37 8.64 6.89 -1.74
N THR B 38 8.80 8.02 -2.44
CA THR B 38 8.76 9.35 -1.88
C THR B 38 7.75 10.20 -2.63
N ARG B 39 6.96 10.98 -1.91
CA ARG B 39 6.03 11.93 -2.50
C ARG B 39 6.50 13.36 -2.15
N VAL B 40 7.04 14.07 -3.13
CA VAL B 40 7.55 15.42 -2.91
C VAL B 40 6.46 16.45 -3.17
N VAL B 41 6.18 17.27 -2.16
CA VAL B 41 5.08 18.22 -2.24
C VAL B 41 5.58 19.58 -2.71
N LEU B 42 5.08 20.04 -3.84
CA LEU B 42 5.60 21.23 -4.54
C LEU B 42 4.76 22.47 -4.34
N ALA B 43 3.46 22.29 -4.17
CA ALA B 43 2.54 23.43 -4.07
C ALA B 43 1.24 23.00 -3.45
N GLY B 44 0.54 23.96 -2.84
CA GLY B 44 -0.78 23.71 -2.30
C GLY B 44 -0.86 23.45 -0.81
N PHE B 45 0.30 23.37 -0.14
CA PHE B 45 0.36 23.08 1.28
C PHE B 45 0.32 24.40 2.07
N PRO B 46 -0.43 24.41 3.19
CA PRO B 46 -0.56 25.66 3.97
C PRO B 46 0.76 26.23 4.48
N ASP B 47 0.82 27.54 4.62
CA ASP B 47 2.03 28.17 5.14
C ASP B 47 2.24 27.79 6.61
N LEU B 48 3.45 27.34 6.92
CA LEU B 48 3.81 26.91 8.27
C LEU B 48 4.50 27.98 9.11
N GLY B 49 4.70 29.18 8.54
CA GLY B 49 5.20 30.30 9.30
C GLY B 49 6.71 30.49 9.18
N ASP B 50 7.26 31.40 9.98
CA ASP B 50 8.61 31.89 9.76
C ASP B 50 9.67 31.40 10.76
N GLY B 51 9.32 30.46 11.63
CA GLY B 51 10.27 29.95 12.61
C GLY B 51 11.28 28.98 12.02
N ASP B 52 12.14 28.39 12.86
CA ASP B 52 13.10 27.39 12.37
C ASP B 52 12.34 26.18 11.87
N LEU B 53 13.02 25.28 11.14
CA LEU B 53 12.29 24.19 10.52
C LEU B 53 11.66 23.28 11.57
N ALA B 54 12.29 23.18 12.74
CA ALA B 54 11.71 22.34 13.77
C ALA B 54 10.42 22.96 14.31
N GLN B 55 10.38 24.28 14.43
CA GLN B 55 9.14 24.98 14.79
C GLN B 55 8.06 24.73 13.72
N CYS B 56 8.46 24.76 12.47
CA CYS B 56 7.54 24.55 11.37
C CYS B 56 6.95 23.15 11.43
N ARG B 57 7.79 22.16 11.73
CA ARG B 57 7.33 20.77 11.86
C ARG B 57 6.36 20.63 13.04
N GLU B 58 6.62 21.36 14.12
CA GLU B 58 5.75 21.29 15.28
C GLU B 58 4.40 21.95 14.98
N ARG B 59 4.42 22.99 14.16
CA ARG B 59 3.18 23.65 13.73
C ARG B 59 2.40 22.74 12.78
N PHE B 60 3.11 22.03 11.92
CA PHE B 60 2.49 21.02 11.02
C PHE B 60 1.79 19.97 11.91
N ARG B 61 2.52 19.44 12.89
CA ARG B 61 1.97 18.45 13.83
C ARG B 61 0.75 18.94 14.59
N SER B 62 0.81 20.15 15.13
CA SER B 62 -0.24 20.62 16.02
C SER B 62 -1.48 21.13 15.28
N ASP B 63 -1.27 21.78 14.14
CA ASP B 63 -2.33 22.53 13.48
C ASP B 63 -2.71 22.01 12.11
N PHE B 64 -1.83 21.23 11.47
CA PHE B 64 -2.08 20.80 10.11
C PHE B 64 -1.93 19.28 9.92
N ASP B 65 -2.18 18.51 10.99
CA ASP B 65 -1.90 17.08 10.92
C ASP B 65 -2.80 16.34 9.95
N HIS B 66 -4.00 16.89 9.69
CA HIS B 66 -4.89 16.30 8.68
C HIS B 66 -4.25 16.30 7.29
N TRP B 67 -3.39 17.28 7.04
CA TRP B 67 -2.67 17.31 5.76
C TRP B 67 -1.63 16.19 5.63
N ARG B 68 -0.97 15.83 6.73
CA ARG B 68 -0.07 14.69 6.71
C ARG B 68 -0.82 13.43 6.29
N SER B 69 -1.94 13.17 6.94
CA SER B 69 -2.71 11.95 6.65
C SER B 69 -3.31 11.99 5.23
N ALA B 70 -3.71 13.17 4.75
CA ALA B 70 -4.29 13.29 3.43
C ALA B 70 -3.28 12.88 2.37
N ILE B 71 -2.01 13.20 2.61
CA ILE B 71 -0.95 12.98 1.64
C ILE B 71 -0.31 11.60 1.77
N ALA B 72 -0.14 11.13 3.01
CA ALA B 72 0.63 9.90 3.24
C ALA B 72 -0.16 8.66 3.67
N CYS B 73 -1.36 8.82 4.23
CA CYS B 73 -2.18 7.67 4.54
C CYS B 73 -2.96 7.21 3.32
N GLU B 74 -3.45 5.97 3.37
CA GLU B 74 -4.48 5.54 2.42
C GLU B 74 -5.60 6.54 2.47
N PRO B 75 -6.33 6.71 1.36
CA PRO B 75 -6.18 5.98 0.09
C PRO B 75 -5.09 6.55 -0.83
N ARG B 76 -4.64 7.78 -0.61
CA ARG B 76 -3.64 8.39 -1.49
C ARG B 76 -2.23 7.86 -1.27
N GLY B 77 -1.95 7.50 -0.02
CA GLY B 77 -0.65 7.01 0.41
C GLY B 77 -0.67 5.53 0.76
N SER B 78 0.22 5.14 1.65
CA SER B 78 0.42 3.76 1.99
C SER B 78 1.35 3.64 3.20
N ASP B 79 1.50 2.41 3.70
CA ASP B 79 2.45 2.05 4.76
C ASP B 79 3.90 2.29 4.41
N THR B 80 4.22 2.42 3.12
CA THR B 80 5.60 2.55 2.68
C THR B 80 5.95 3.98 2.26
N MET B 81 4.95 4.85 2.17
N MET B 81 4.91 4.81 2.14
CA MET B 81 5.12 6.14 1.55
CA MET B 81 5.02 6.20 1.68
C MET B 81 5.66 7.19 2.51
C MET B 81 5.82 7.06 2.65
N VAL B 82 6.73 7.87 2.12
CA VAL B 82 7.24 9.04 2.87
C VAL B 82 6.93 10.28 2.07
N GLY B 83 6.31 11.24 2.73
CA GLY B 83 6.06 12.53 2.14
C GLY B 83 7.19 13.47 2.45
N ALA B 84 7.45 14.38 1.53
CA ALA B 84 8.56 15.32 1.63
C ALA B 84 8.05 16.71 1.27
N LEU B 85 7.77 17.52 2.29
CA LEU B 85 7.25 18.86 2.07
C LEU B 85 8.38 19.82 1.82
N LEU B 86 8.41 20.42 0.63
CA LEU B 86 9.42 21.45 0.37
C LEU B 86 8.95 22.77 0.95
N LEU B 87 9.91 23.47 1.56
CA LEU B 87 9.68 24.80 2.06
C LEU B 87 10.98 25.59 2.06
N PRO B 88 10.88 26.91 2.18
CA PRO B 88 12.11 27.70 2.08
C PRO B 88 13.08 27.34 3.18
N PRO B 89 14.37 27.26 2.85
CA PRO B 89 15.34 26.94 3.90
C PRO B 89 15.60 28.18 4.78
N ARG B 90 15.94 27.91 6.04
CA ARG B 90 16.46 28.93 6.94
C ARG B 90 17.98 29.02 6.83
N ASP B 91 18.60 27.91 6.45
CA ASP B 91 20.02 27.88 6.11
C ASP B 91 20.15 28.35 4.66
N PRO B 92 20.69 29.54 4.46
CA PRO B 92 20.77 30.12 3.11
C PRO B 92 21.73 29.36 2.20
N SER B 93 22.52 28.45 2.73
CA SER B 93 23.41 27.64 1.90
C SER B 93 22.68 26.40 1.37
N ALA B 94 21.43 26.19 1.77
CA ALA B 94 20.70 24.99 1.38
C ALA B 94 19.81 25.29 0.17
N CYS B 95 19.66 24.31 -0.72
CA CYS B 95 18.86 24.53 -1.92
C CYS B 95 17.36 24.41 -1.61
N THR B 96 17.05 23.75 -0.50
CA THR B 96 15.67 23.70 -0.04
C THR B 96 15.66 23.26 1.41
N GLY B 97 14.57 23.60 2.08
CA GLY B 97 14.23 22.95 3.32
C GLY B 97 13.25 21.84 3.03
N VAL B 98 13.16 20.90 3.94
CA VAL B 98 12.22 19.78 3.79
C VAL B 98 11.75 19.30 5.14
N ILE B 99 10.47 18.92 5.20
CA ILE B 99 9.95 18.17 6.32
C ILE B 99 9.40 16.84 5.82
N PHE B 100 9.95 15.77 6.35
CA PHE B 100 9.56 14.40 6.00
C PHE B 100 8.51 13.87 6.98
N PHE B 101 7.56 13.11 6.46
CA PHE B 101 6.50 12.55 7.28
C PHE B 101 5.98 11.26 6.63
N ASN B 102 5.15 10.54 7.36
CA ASN B 102 4.62 9.27 6.87
C ASN B 102 3.23 9.05 7.40
N ASN B 103 2.71 7.83 7.27
CA ASN B 103 1.32 7.60 7.65
C ASN B 103 1.05 7.51 9.14
N VAL B 104 2.09 7.65 9.95
CA VAL B 104 1.88 7.66 11.39
C VAL B 104 2.34 8.96 12.05
N GLY B 105 3.35 9.61 11.48
CA GLY B 105 3.90 10.80 12.12
C GLY B 105 4.96 11.55 11.33
N TYR B 106 5.85 12.19 12.08
CA TYR B 106 6.84 13.07 11.50
C TYR B 106 8.22 12.48 11.68
N LEU B 107 9.06 12.68 10.67
CA LEU B 107 10.44 12.22 10.72
C LEU B 107 11.39 13.39 10.90
N GLY B 108 12.68 13.11 11.03
CA GLY B 108 13.70 14.15 11.06
C GLY B 108 14.43 14.12 9.71
N MET B 109 15.51 13.33 9.67
CA MET B 109 16.18 12.99 8.42
C MET B 109 15.55 11.76 7.78
N CYS B 110 15.73 11.63 6.47
CA CYS B 110 15.21 10.47 5.77
C CYS B 110 16.10 10.24 4.55
N GLY B 111 16.93 9.20 4.61
CA GLY B 111 17.86 8.91 3.54
C GLY B 111 17.23 8.71 2.15
N HIS B 112 16.33 7.74 2.02
CA HIS B 112 15.81 7.44 0.70
C HIS B 112 14.95 8.62 0.21
N GLY B 113 14.34 9.31 1.16
CA GLY B 113 13.51 10.46 0.84
C GLY B 113 14.33 11.63 0.33
N THR B 114 15.54 11.76 0.85
CA THR B 114 16.43 12.83 0.43
C THR B 114 16.96 12.55 -0.98
N ILE B 115 17.27 11.31 -1.26
CA ILE B 115 17.64 10.92 -2.62
C ILE B 115 16.50 11.25 -3.57
N GLY B 116 15.26 10.96 -3.16
CA GLY B 116 14.10 11.31 -3.95
C GLY B 116 13.96 12.81 -4.17
N VAL B 117 14.18 13.59 -3.12
CA VAL B 117 14.04 15.03 -3.25
C VAL B 117 15.08 15.57 -4.22
N VAL B 118 16.33 15.15 -4.06
CA VAL B 118 17.41 15.59 -4.94
C VAL B 118 17.12 15.29 -6.41
N ARG B 119 16.67 14.07 -6.70
CA ARG B 119 16.43 13.73 -8.08
C ARG B 119 15.21 14.46 -8.63
N THR B 120 14.23 14.71 -7.77
CA THR B 120 13.07 15.48 -8.18
C THR B 120 13.47 16.92 -8.53
N LEU B 121 14.27 17.54 -7.65
CA LEU B 121 14.72 18.91 -7.94
C LEU B 121 15.51 18.96 -9.24
N ALA B 122 16.30 17.93 -9.51
CA ALA B 122 17.11 17.90 -10.71
C ALA B 122 16.24 17.73 -11.94
N GLU B 123 15.24 16.85 -11.88
CA GLU B 123 14.39 16.63 -13.03
C GLU B 123 13.55 17.88 -13.32
N LEU B 124 13.29 18.68 -12.29
CA LEU B 124 12.55 19.92 -12.46
C LEU B 124 13.45 21.05 -12.93
N GLY B 125 14.75 20.76 -13.02
CA GLY B 125 15.70 21.76 -13.47
C GLY B 125 16.07 22.79 -12.43
N ARG B 126 15.87 22.48 -11.14
CA ARG B 126 16.15 23.47 -10.10
C ARG B 126 17.56 23.37 -9.55
N ILE B 127 18.18 22.21 -9.72
CA ILE B 127 19.60 22.02 -9.39
C ILE B 127 20.27 21.20 -10.48
N ALA B 128 21.58 21.28 -10.53
CA ALA B 128 22.39 20.57 -11.52
C ALA B 128 23.33 19.64 -10.78
N PRO B 129 23.95 18.69 -11.49
CA PRO B 129 24.94 17.83 -10.84
C PRO B 129 25.99 18.61 -10.06
N GLY B 130 26.45 18.02 -8.96
CA GLY B 130 27.39 18.65 -8.08
C GLY B 130 26.96 18.47 -6.62
N GLN B 131 27.67 19.18 -5.75
CA GLN B 131 27.37 19.16 -4.32
C GLN B 131 26.23 20.10 -3.98
N HIS B 132 25.38 19.66 -3.05
CA HIS B 132 24.27 20.46 -2.56
C HIS B 132 24.02 20.18 -1.08
N ARG B 133 23.11 20.96 -0.50
CA ARG B 133 22.76 20.83 0.89
C ARG B 133 21.24 20.90 1.02
N ILE B 134 20.69 20.01 1.83
CA ILE B 134 19.24 19.90 2.05
C ILE B 134 18.97 20.11 3.55
N GLU B 135 18.22 21.16 3.90
CA GLU B 135 17.98 21.45 5.31
C GLU B 135 16.75 20.71 5.81
N THR B 136 16.93 19.94 6.88
CA THR B 136 15.84 19.26 7.58
C THR B 136 15.63 19.90 8.96
N PRO B 137 14.57 19.51 9.67
CA PRO B 137 14.34 20.11 10.98
C PRO B 137 15.40 19.81 11.99
N VAL B 138 16.21 18.77 11.74
CA VAL B 138 17.27 18.39 12.66
C VAL B 138 18.68 18.53 12.08
N GLY B 139 18.83 19.38 11.08
CA GLY B 139 20.14 19.72 10.55
C GLY B 139 20.20 19.71 9.05
N THR B 140 21.26 20.29 8.50
CA THR B 140 21.45 20.29 7.06
C THR B 140 22.27 19.07 6.64
N VAL B 141 21.79 18.39 5.62
CA VAL B 141 22.41 17.18 5.11
C VAL B 141 23.19 17.49 3.84
N GLY B 142 24.47 17.10 3.80
CA GLY B 142 25.26 17.27 2.59
C GLY B 142 24.94 16.14 1.62
N VAL B 143 24.71 16.49 0.37
CA VAL B 143 24.43 15.55 -0.70
C VAL B 143 25.27 15.86 -1.94
N ALA B 144 25.37 14.89 -2.84
CA ALA B 144 26.05 15.09 -4.10
C ALA B 144 25.24 14.39 -5.17
N LEU B 145 25.03 15.09 -6.28
CA LEU B 145 24.33 14.51 -7.43
C LEU B 145 25.34 14.32 -8.56
N ALA B 146 25.50 13.07 -8.99
CA ALA B 146 26.43 12.77 -10.06
C ALA B 146 25.78 12.98 -11.41
N ASP B 147 26.61 13.10 -12.44
CA ASP B 147 26.09 13.24 -13.79
C ASP B 147 25.17 12.09 -14.16
N ASP B 148 25.46 10.89 -13.68
CA ASP B 148 24.65 9.72 -14.02
C ASP B 148 23.46 9.57 -13.11
N GLY B 149 23.22 10.57 -12.27
CA GLY B 149 22.02 10.61 -11.45
C GLY B 149 22.15 9.97 -10.08
N THR B 150 23.28 9.33 -9.81
CA THR B 150 23.52 8.76 -8.50
C THR B 150 23.48 9.89 -7.46
N VAL B 151 22.79 9.69 -6.34
CA VAL B 151 22.81 10.66 -5.24
C VAL B 151 23.52 10.04 -4.06
N SER B 152 24.47 10.78 -3.49
CA SER B 152 25.18 10.36 -2.29
C SER B 152 24.74 11.24 -1.14
N ILE B 153 24.48 10.63 0.00
CA ILE B 153 24.08 11.39 1.18
C ILE B 153 24.90 11.01 2.41
N ASP B 154 25.13 11.99 3.27
CA ASP B 154 25.75 11.72 4.54
C ASP B 154 24.72 11.18 5.51
N ASN B 155 25.02 10.04 6.10
CA ASN B 155 24.15 9.49 7.12
C ASN B 155 24.70 10.00 8.44
N VAL B 156 23.86 10.02 9.46
CA VAL B 156 24.33 10.35 10.81
C VAL B 156 25.35 9.35 11.34
N GLU B 157 26.12 9.80 12.31
CA GLU B 157 27.11 8.98 12.97
C GLU B 157 26.44 7.70 13.41
N SER B 158 27.12 6.59 13.17
CA SER B 158 26.56 5.26 13.42
C SER B 158 27.56 4.47 14.24
N TYR B 159 27.06 3.57 15.07
CA TYR B 159 27.93 2.83 15.94
C TYR B 159 27.24 1.58 16.44
N ARG B 160 28.02 0.59 16.86
CA ARG B 160 27.45 -0.58 17.50
C ARG B 160 27.33 -0.40 19.01
N HIS B 161 26.15 -0.73 19.52
CA HIS B 161 25.85 -0.61 20.94
C HIS B 161 26.17 -1.89 21.70
N ALA B 162 25.77 -3.03 21.13
CA ALA B 162 25.99 -4.32 21.77
C ALA B 162 26.25 -5.38 20.72
N ALA B 163 27.28 -6.18 20.95
CA ALA B 163 27.60 -7.31 20.06
C ALA B 163 27.06 -8.62 20.64
N GLY B 164 26.57 -9.50 19.78
CA GLY B 164 26.25 -10.86 20.17
C GLY B 164 25.07 -11.03 21.11
N VAL B 165 24.08 -10.18 20.92
CA VAL B 165 22.81 -10.25 21.61
C VAL B 165 22.06 -11.43 21.04
N GLU B 166 21.28 -12.10 21.88
CA GLU B 166 20.64 -13.30 21.44
C GLU B 166 19.25 -13.48 22.05
N VAL B 167 18.29 -13.91 21.23
CA VAL B 167 16.93 -14.21 21.68
C VAL B 167 16.49 -15.58 21.15
N ASP B 168 15.65 -16.25 21.92
CA ASP B 168 14.99 -17.48 21.48
C ASP B 168 13.78 -17.06 20.68
N VAL B 169 13.66 -17.56 19.46
CA VAL B 169 12.53 -17.21 18.61
C VAL B 169 11.72 -18.47 18.31
N PRO B 170 10.48 -18.53 18.79
CA PRO B 170 9.68 -19.74 18.61
C PRO B 170 9.78 -20.26 17.17
N GLY B 171 10.19 -21.51 16.99
CA GLY B 171 10.24 -22.09 15.67
C GLY B 171 11.59 -21.97 15.00
N HIS B 172 12.48 -21.17 15.57
CA HIS B 172 13.79 -20.98 14.94
C HIS B 172 14.97 -21.15 15.90
N GLY B 173 14.69 -21.38 17.17
CA GLY B 173 15.77 -21.51 18.12
C GLY B 173 16.41 -20.18 18.41
N ARG B 174 17.70 -20.23 18.69
CA ARG B 174 18.38 -19.03 19.11
C ARG B 174 18.85 -18.20 17.91
N VAL B 175 18.53 -16.91 17.94
CA VAL B 175 18.90 -15.96 16.91
C VAL B 175 19.84 -14.92 17.54
N ARG B 176 21.05 -14.82 16.98
CA ARG B 176 22.09 -13.93 17.48
C ARG B 176 22.28 -12.74 16.54
N GLY B 177 22.60 -11.57 17.08
CA GLY B 177 22.82 -10.42 16.22
C GLY B 177 23.47 -9.28 16.98
N ASP B 178 23.76 -8.20 16.26
CA ASP B 178 24.26 -6.98 16.89
C ASP B 178 23.14 -5.94 17.04
N VAL B 179 23.20 -5.17 18.11
CA VAL B 179 22.33 -4.00 18.28
C VAL B 179 23.15 -2.78 17.93
N ALA B 180 22.71 -2.06 16.90
CA ALA B 180 23.47 -0.94 16.33
C ALA B 180 22.58 0.24 15.99
N TRP B 181 23.15 1.44 16.10
CA TRP B 181 22.48 2.68 15.75
C TRP B 181 22.95 3.20 14.41
N GLY B 182 22.01 3.38 13.47
CA GLY B 182 22.27 4.02 12.20
C GLY B 182 21.42 5.25 11.98
N GLY B 183 20.90 5.85 13.06
CA GLY B 183 19.84 6.86 12.93
C GLY B 183 18.48 6.30 13.32
N ASN B 184 18.44 4.98 13.47
CA ASN B 184 17.34 4.24 14.09
C ASN B 184 18.04 3.05 14.77
N TRP B 185 17.36 2.40 15.72
CA TRP B 185 17.89 1.19 16.36
C TRP B 185 17.59 -0.06 15.53
N PHE B 186 18.64 -0.83 15.24
CA PHE B 186 18.57 -2.07 14.50
C PHE B 186 19.12 -3.23 15.32
N PHE B 187 18.43 -4.36 15.25
CA PHE B 187 19.03 -5.67 15.53
C PHE B 187 19.37 -6.27 14.19
N ILE B 188 20.64 -6.64 14.03
CA ILE B 188 21.15 -7.12 12.74
C ILE B 188 21.62 -8.56 12.92
N THR B 189 20.97 -9.50 12.26
CA THR B 189 21.36 -10.92 12.33
C THR B 189 21.75 -11.44 10.95
N GLU B 190 22.66 -12.39 10.91
CA GLU B 190 23.03 -13.06 9.66
C GLU B 190 22.20 -14.31 9.42
N GLN B 191 21.32 -14.63 10.38
CA GLN B 191 20.53 -15.85 10.31
C GLN B 191 19.22 -15.63 9.58
N ALA B 192 19.05 -16.35 8.47
CA ALA B 192 17.83 -16.23 7.68
C ALA B 192 17.14 -17.59 7.62
N PRO B 193 15.80 -17.62 7.68
CA PRO B 193 14.99 -18.83 7.67
C PRO B 193 14.71 -19.35 6.27
N CYS B 194 15.04 -18.54 5.26
CA CYS B 194 14.74 -18.84 3.87
C CYS B 194 15.48 -17.90 2.94
N ALA B 195 15.34 -18.09 1.64
CA ALA B 195 15.99 -17.22 0.67
C ALA B 195 15.49 -15.77 0.86
N LEU B 196 16.37 -14.81 0.60
CA LEU B 196 16.03 -13.39 0.70
C LEU B 196 15.54 -12.88 -0.64
N GLY B 197 14.27 -13.13 -0.92
CA GLY B 197 13.66 -12.64 -2.14
C GLY B 197 12.25 -12.13 -1.86
N LEU B 198 11.71 -11.37 -2.79
CA LEU B 198 10.38 -10.82 -2.65
C LEU B 198 9.36 -11.92 -2.46
N ALA B 199 9.57 -13.07 -3.13
CA ALA B 199 8.61 -14.17 -3.02
C ALA B 199 8.49 -14.69 -1.58
N GLN B 200 9.52 -14.45 -0.78
CA GLN B 200 9.55 -14.90 0.61
C GLN B 200 9.18 -13.81 1.65
N GLN B 201 8.66 -12.65 1.21
CA GLN B 201 8.44 -11.54 2.14
C GLN B 201 7.51 -11.87 3.31
N ARG B 202 6.44 -12.62 3.09
CA ARG B 202 5.56 -12.95 4.21
C ARG B 202 6.28 -13.72 5.30
N GLU B 203 7.05 -14.72 4.89
CA GLU B 203 7.82 -15.56 5.80
C GLU B 203 8.89 -14.75 6.55
N LEU B 204 9.59 -13.91 5.81
CA LEU B 204 10.61 -13.05 6.38
C LEU B 204 10.00 -12.03 7.35
N THR B 205 8.83 -11.48 7.01
CA THR B 205 8.12 -10.55 7.90
C THR B 205 7.73 -11.24 9.21
N ALA B 206 7.21 -12.46 9.12
CA ALA B 206 6.82 -13.20 10.32
C ALA B 206 8.02 -13.46 11.22
N TYR B 207 9.13 -13.86 10.61
CA TYR B 207 10.35 -14.18 11.33
C TYR B 207 10.91 -12.94 12.04
N THR B 208 11.01 -11.84 11.32
CA THR B 208 11.57 -10.64 11.91
C THR B 208 10.62 -10.05 12.95
N GLU B 209 9.30 -10.18 12.75
CA GLU B 209 8.37 -9.70 13.77
C GLU B 209 8.56 -10.48 15.06
N ALA B 210 8.77 -11.79 14.92
CA ALA B 210 8.99 -12.63 16.08
C ALA B 210 10.27 -12.24 16.82
N ILE B 211 11.31 -11.92 16.06
CA ILE B 211 12.56 -11.44 16.65
C ILE B 211 12.27 -10.16 17.45
N ARG B 212 11.56 -9.22 16.85
CA ARG B 212 11.26 -7.96 17.52
C ARG B 212 10.55 -8.17 18.85
N LEU B 213 9.56 -9.05 18.83
CA LEU B 213 8.75 -9.30 20.00
C LEU B 213 9.57 -9.95 21.11
N ALA B 214 10.49 -10.83 20.71
CA ALA B 214 11.35 -11.52 21.66
C ALA B 214 12.35 -10.56 22.31
N LEU B 215 12.87 -9.61 21.56
CA LEU B 215 13.76 -8.60 22.12
C LEU B 215 12.98 -7.79 23.14
N GLU B 216 11.78 -7.35 22.78
CA GLU B 216 10.96 -6.57 23.71
C GLU B 216 10.64 -7.37 24.98
N ALA B 217 10.22 -8.61 24.81
CA ALA B 217 9.87 -9.51 25.91
C ALA B 217 11.04 -9.68 26.86
N ALA B 218 12.25 -9.74 26.31
CA ALA B 218 13.47 -9.92 27.11
C ALA B 218 13.95 -8.65 27.80
N GLY B 219 13.40 -7.50 27.40
CA GLY B 219 13.88 -6.22 27.87
C GLY B 219 15.20 -5.78 27.28
N ILE B 220 15.49 -6.25 26.06
CA ILE B 220 16.71 -5.88 25.35
C ILE B 220 16.44 -4.64 24.52
N THR B 221 17.24 -3.60 24.76
CA THR B 221 16.99 -2.30 24.14
C THR B 221 18.29 -1.73 23.60
N GLY B 222 18.17 -0.62 22.90
CA GLY B 222 19.32 0.20 22.63
C GLY B 222 19.67 1.01 23.87
N GLU B 223 20.65 1.88 23.72
CA GLU B 223 21.05 2.78 24.78
C GLU B 223 19.82 3.52 25.34
N ALA B 224 19.76 3.69 26.66
CA ALA B 224 18.69 4.48 27.29
C ALA B 224 17.30 3.87 27.09
N GLY B 225 17.23 2.56 27.00
CA GLY B 225 15.95 1.90 26.83
C GLY B 225 15.32 2.14 25.46
N GLY B 226 16.11 2.59 24.49
CA GLY B 226 15.61 2.81 23.14
C GLY B 226 15.03 1.53 22.54
N GLU B 227 13.77 1.59 22.11
CA GLU B 227 13.13 0.40 21.54
C GLU B 227 13.81 -0.02 20.24
N ILE B 228 14.14 -1.31 20.13
CA ILE B 228 14.72 -1.83 18.89
C ILE B 228 13.59 -2.17 17.95
N ASP B 229 13.26 -1.21 17.09
CA ASP B 229 12.05 -1.29 16.26
C ASP B 229 12.34 -1.49 14.78
N HIS B 230 13.59 -1.70 14.43
CA HIS B 230 13.97 -2.09 13.06
C HIS B 230 14.74 -3.40 13.16
N ILE B 231 14.41 -4.36 12.31
CA ILE B 231 15.07 -5.67 12.33
C ILE B 231 15.66 -5.96 10.95
N GLU B 232 16.95 -6.21 10.90
CA GLU B 232 17.67 -6.37 9.66
C GLU B 232 18.28 -7.75 9.57
N ILE B 233 17.95 -8.47 8.51
CA ILE B 233 18.65 -9.70 8.15
C ILE B 233 19.73 -9.34 7.15
N SER B 234 20.97 -9.61 7.50
CA SER B 234 22.10 -9.31 6.62
C SER B 234 22.58 -10.63 6.00
N GLY B 235 22.19 -10.89 4.75
CA GLY B 235 22.50 -12.16 4.10
C GLY B 235 23.02 -12.01 2.68
N VAL B 236 22.68 -12.97 1.82
CA VAL B 236 23.15 -12.91 0.44
C VAL B 236 21.99 -13.07 -0.54
N ALA B 237 22.24 -12.67 -1.78
CA ALA B 237 21.25 -12.82 -2.83
C ALA B 237 20.99 -14.29 -3.04
N PRO B 238 19.74 -14.63 -3.37
CA PRO B 238 19.41 -16.05 -3.57
C PRO B 238 19.76 -16.61 -4.94
N ASP B 239 20.52 -15.88 -5.75
CA ASP B 239 20.78 -16.26 -7.13
C ASP B 239 22.15 -16.91 -7.30
N GLY B 240 22.84 -17.19 -6.21
CA GLY B 240 24.14 -17.80 -6.27
C GLY B 240 25.27 -16.84 -6.61
N SER B 241 24.96 -15.54 -6.70
CA SER B 241 25.99 -14.54 -7.02
C SER B 241 26.91 -14.26 -5.85
N GLY B 242 26.43 -14.53 -4.64
CA GLY B 242 27.17 -14.23 -3.43
C GLY B 242 27.02 -12.80 -2.96
N ALA B 243 26.29 -11.98 -3.72
CA ALA B 243 26.16 -10.55 -3.38
C ALA B 243 25.47 -10.35 -2.05
N ALA B 244 25.92 -9.34 -1.30
CA ALA B 244 25.25 -8.99 -0.07
C ALA B 244 23.82 -8.48 -0.29
N ARG B 245 22.87 -9.03 0.46
CA ARG B 245 21.46 -8.62 0.36
C ARG B 245 20.84 -8.66 1.75
N ASN B 246 20.02 -7.65 2.05
CA ASN B 246 19.31 -7.64 3.31
C ASN B 246 17.78 -7.67 3.17
N PHE B 247 17.13 -7.85 4.31
CA PHE B 247 15.71 -7.69 4.50
C PHE B 247 15.57 -6.87 5.77
N VAL B 248 14.75 -5.83 5.71
CA VAL B 248 14.57 -4.94 6.86
C VAL B 248 13.11 -4.76 7.16
N LEU B 249 12.74 -5.12 8.38
CA LEU B 249 11.41 -4.85 8.90
C LEU B 249 11.39 -3.48 9.58
N CYS B 250 10.52 -2.60 9.08
CA CYS B 250 10.33 -1.27 9.62
C CYS B 250 9.31 -1.26 10.75
N PRO B 251 9.27 -0.15 11.51
CA PRO B 251 8.43 -0.11 12.70
C PRO B 251 6.96 -0.48 12.51
N GLY B 252 6.35 -0.13 11.39
CA GLY B 252 4.94 -0.44 11.23
C GLY B 252 4.70 -1.83 10.66
N LEU B 253 5.75 -2.64 10.66
CA LEU B 253 5.71 -4.03 10.19
C LEU B 253 5.62 -4.14 8.66
N ALA B 254 5.93 -3.04 7.96
CA ALA B 254 6.16 -3.13 6.52
C ALA B 254 7.64 -3.33 6.30
N TYR B 255 8.00 -4.14 5.31
CA TYR B 255 9.43 -4.24 4.99
C TYR B 255 9.89 -3.03 4.18
N ASP B 256 11.17 -2.70 4.25
CA ASP B 256 11.74 -1.63 3.41
C ASP B 256 11.94 -2.24 2.02
N ARG B 257 11.43 -1.57 1.00
CA ARG B 257 11.64 -2.04 -0.35
C ARG B 257 13.08 -1.79 -0.80
N SER B 258 13.70 -0.77 -0.21
CA SER B 258 15.09 -0.42 -0.50
C SER B 258 16.06 -1.14 0.42
N PRO B 259 17.36 -0.95 0.18
CA PRO B 259 18.34 -1.56 1.07
C PRO B 259 18.44 -0.87 2.45
N CYS B 260 17.70 0.23 2.63
CA CYS B 260 17.59 0.92 3.92
C CYS B 260 18.88 1.68 4.29
N GLY B 261 18.83 2.98 4.12
CA GLY B 261 19.99 3.83 4.36
C GLY B 261 20.53 3.72 5.77
N THR B 262 19.65 3.88 6.75
CA THR B 262 20.10 3.83 8.14
C THR B 262 20.48 2.42 8.52
N GLY B 263 19.78 1.44 7.97
CA GLY B 263 20.09 0.05 8.27
C GLY B 263 21.40 -0.42 7.64
N THR B 264 21.71 0.11 6.46
CA THR B 264 22.97 -0.15 5.80
C THR B 264 24.10 0.55 6.57
N SER B 265 23.81 1.74 7.08
CA SER B 265 24.81 2.50 7.88
C SER B 265 25.09 1.74 9.19
N ALA B 266 24.06 1.18 9.79
CA ALA B 266 24.25 0.42 11.02
C ALA B 266 25.11 -0.83 10.73
N LYS B 267 24.92 -1.42 9.56
CA LYS B 267 25.70 -2.59 9.13
C LYS B 267 27.16 -2.18 8.92
N LEU B 268 27.38 -1.05 8.26
CA LEU B 268 28.75 -0.56 8.09
C LEU B 268 29.45 -0.35 9.43
N ALA B 269 28.70 0.13 10.40
CA ALA B 269 29.30 0.38 11.73
C ALA B 269 29.78 -0.93 12.37
N CYS B 270 29.03 -2.00 12.17
CA CYS B 270 29.40 -3.30 12.74
C CYS B 270 30.61 -3.86 11.98
N LEU B 271 30.60 -3.77 10.66
CA LEU B 271 31.72 -4.22 9.84
C LEU B 271 32.98 -3.49 10.26
N ALA B 272 32.86 -2.19 10.47
CA ALA B 272 33.98 -1.38 10.92
C ALA B 272 34.51 -1.85 12.28
N ALA B 273 33.61 -2.04 13.23
CA ALA B 273 34.00 -2.42 14.59
C ALA B 273 34.71 -3.77 14.63
N ASP B 274 34.33 -4.66 13.71
CA ASP B 274 34.93 -5.99 13.64
C ASP B 274 36.14 -6.01 12.72
N GLY B 275 36.50 -4.85 12.18
CA GLY B 275 37.63 -4.73 11.29
C GLY B 275 37.44 -5.48 9.98
N LYS B 276 36.21 -5.57 9.49
CA LYS B 276 35.92 -6.28 8.22
C LYS B 276 35.83 -5.33 7.03
N LEU B 277 35.75 -4.02 7.30
CA LEU B 277 35.63 -3.02 6.25
C LEU B 277 36.52 -1.82 6.59
N ALA B 278 37.41 -1.46 5.68
CA ALA B 278 38.34 -0.35 5.92
C ALA B 278 37.71 1.00 5.61
N GLU B 279 38.24 2.05 6.23
CA GLU B 279 37.80 3.40 5.94
C GLU B 279 37.98 3.65 4.44
N GLY B 280 36.94 4.12 3.77
CA GLY B 280 37.01 4.37 2.34
C GLY B 280 36.58 3.20 1.45
N GLU B 281 36.62 1.98 1.98
CA GLU B 281 36.29 0.79 1.19
C GLU B 281 34.79 0.75 0.88
N ARG B 282 34.45 0.55 -0.38
CA ARG B 282 33.04 0.51 -0.75
C ARG B 282 32.40 -0.81 -0.39
N TRP B 283 31.15 -0.71 0.06
CA TRP B 283 30.33 -1.85 0.40
C TRP B 283 29.06 -1.78 -0.42
N LEU B 284 28.80 -2.81 -1.21
CA LEU B 284 27.63 -2.80 -2.06
C LEU B 284 26.54 -3.60 -1.35
N GLN B 285 25.38 -2.97 -1.16
CA GLN B 285 24.30 -3.57 -0.40
C GLN B 285 22.98 -3.67 -1.19
N GLN B 286 22.59 -4.88 -1.58
CA GLN B 286 21.26 -5.09 -2.15
C GLN B 286 20.22 -5.09 -1.04
N GLY B 287 19.02 -4.64 -1.38
CA GLY B 287 17.87 -4.87 -0.55
C GLY B 287 17.02 -6.00 -1.12
N ILE B 288 15.86 -6.23 -0.52
CA ILE B 288 15.07 -7.40 -0.78
C ILE B 288 14.65 -7.52 -2.26
N LEU B 289 14.55 -6.39 -2.95
CA LEU B 289 14.15 -6.37 -4.37
C LEU B 289 15.33 -6.53 -5.34
N GLY B 290 16.55 -6.55 -4.80
CA GLY B 290 17.74 -6.66 -5.61
C GLY B 290 18.33 -5.33 -6.09
N SER B 291 17.60 -4.24 -5.87
CA SER B 291 18.17 -2.90 -6.05
C SER B 291 19.21 -2.70 -4.98
N ALA B 292 20.11 -1.72 -5.14
CA ALA B 292 21.28 -1.63 -4.30
C ALA B 292 21.67 -0.21 -3.94
N PHE B 293 22.25 -0.06 -2.74
CA PHE B 293 22.94 1.13 -2.30
C PHE B 293 24.43 0.84 -2.17
N GLU B 294 25.25 1.86 -2.30
CA GLU B 294 26.69 1.73 -2.03
C GLU B 294 26.95 2.48 -0.73
N GLY B 295 27.74 1.88 0.17
CA GLY B 295 28.11 2.54 1.40
C GLY B 295 29.62 2.61 1.60
N SER B 296 30.04 3.63 2.34
CA SER B 296 31.42 3.73 2.76
C SER B 296 31.45 4.54 4.04
N TYR B 297 32.58 4.55 4.72
CA TYR B 297 32.63 5.32 5.95
C TYR B 297 34.01 5.89 6.19
N ARG B 298 34.05 6.88 7.07
CA ARG B 298 35.28 7.36 7.65
C ARG B 298 35.04 7.36 9.16
N HIS B 299 36.10 7.28 9.95
CA HIS B 299 35.93 7.19 11.40
C HIS B 299 35.43 8.49 11.99
N SER B 300 34.65 8.38 13.07
CA SER B 300 34.05 9.52 13.74
C SER B 300 33.68 9.18 15.20
N GLY B 301 34.40 9.78 16.15
CA GLY B 301 34.14 9.51 17.56
C GLY B 301 34.04 8.02 17.87
N ARG B 302 32.96 7.64 18.55
CA ARG B 302 32.80 6.25 18.97
C ARG B 302 32.34 5.39 17.79
N GLY B 303 32.00 6.06 16.70
CA GLY B 303 31.43 5.36 15.56
C GLY B 303 32.05 5.72 14.23
N ILE B 304 31.20 5.82 13.23
CA ILE B 304 31.64 6.06 11.87
C ILE B 304 30.75 7.12 11.28
N ALA B 305 31.28 7.81 10.28
CA ALA B 305 30.51 8.77 9.49
C ALA B 305 30.20 8.09 8.15
N PRO B 306 28.97 7.58 7.98
CA PRO B 306 28.68 6.80 6.78
C PRO B 306 28.22 7.67 5.64
N ARG B 307 28.51 7.22 4.43
CA ARG B 307 28.00 7.87 3.22
C ARG B 307 27.28 6.79 2.43
N ILE B 308 26.06 7.10 2.00
CA ILE B 308 25.21 6.14 1.30
C ILE B 308 24.84 6.72 -0.08
N SER B 309 24.94 5.89 -1.12
N SER B 309 24.94 5.91 -1.14
CA SER B 309 24.62 6.32 -2.47
CA SER B 309 24.59 6.39 -2.46
C SER B 309 23.54 5.41 -3.04
C SER B 309 23.65 5.43 -3.18
N GLY B 310 22.65 5.98 -3.85
CA GLY B 310 21.65 5.20 -4.55
C GLY B 310 20.98 6.04 -5.63
N HIS B 311 19.92 5.47 -6.22
CA HIS B 311 19.26 6.05 -7.36
C HIS B 311 17.78 6.22 -7.08
N ALA B 312 17.21 7.27 -7.66
CA ALA B 312 15.76 7.43 -7.62
C ALA B 312 15.26 7.71 -9.03
N PHE B 313 14.02 7.30 -9.26
CA PHE B 313 13.34 7.56 -10.52
C PHE B 313 11.95 8.09 -10.26
N ILE B 314 11.57 9.06 -11.08
CA ILE B 314 10.25 9.66 -10.99
C ILE B 314 9.22 8.69 -11.55
N THR B 315 8.09 8.57 -10.86
CA THR B 315 7.06 7.61 -11.24
C THR B 315 5.71 8.26 -11.59
N ALA B 316 5.51 9.51 -11.18
CA ALA B 316 4.26 10.19 -11.47
C ALA B 316 4.32 11.65 -11.12
N ARG B 317 3.57 12.47 -11.87
CA ARG B 317 3.32 13.85 -11.53
C ARG B 317 1.82 13.92 -11.29
N SER B 318 1.41 14.48 -10.16
N SER B 318 1.42 14.44 -10.14
CA SER B 318 0.02 14.34 -9.73
CA SER B 318 0.02 14.37 -9.75
C SER B 318 -0.52 15.56 -8.99
C SER B 318 -0.50 15.66 -9.13
N GLN B 319 -1.82 15.81 -9.16
CA GLN B 319 -2.53 16.78 -8.36
C GLN B 319 -3.45 15.97 -7.45
N LEU B 320 -3.12 15.97 -6.15
CA LEU B 320 -4.01 15.35 -5.16
C LEU B 320 -5.22 16.26 -5.02
N LEU B 321 -6.38 15.64 -4.96
CA LEU B 321 -7.65 16.37 -4.92
C LEU B 321 -8.39 15.97 -3.66
N ILE B 322 -8.75 16.97 -2.87
CA ILE B 322 -9.42 16.71 -1.60
C ILE B 322 -10.85 17.23 -1.64
N ASP B 323 -11.80 16.29 -1.72
CA ASP B 323 -13.23 16.62 -1.80
C ASP B 323 -13.80 16.75 -0.39
N PRO B 324 -14.34 17.92 -0.04
CA PRO B 324 -14.88 18.12 1.29
C PRO B 324 -15.95 17.09 1.66
N ALA B 325 -16.62 16.50 0.67
CA ALA B 325 -17.72 15.57 0.94
C ALA B 325 -17.21 14.15 1.24
N ASP B 326 -15.95 13.91 0.90
CA ASP B 326 -15.29 12.62 1.09
C ASP B 326 -15.04 12.35 2.57
N PRO B 327 -15.60 11.24 3.11
CA PRO B 327 -15.36 10.90 4.53
C PRO B 327 -13.89 10.68 4.85
N PHE B 328 -13.13 10.31 3.82
CA PHE B 328 -11.69 10.05 3.97
C PHE B 328 -10.88 11.15 3.25
N ALA B 329 -11.50 12.32 3.08
CA ALA B 329 -10.82 13.48 2.49
C ALA B 329 -9.41 13.63 3.06
N TRP B 330 -9.28 13.53 4.37
CA TRP B 330 -8.00 13.78 5.04
C TRP B 330 -7.28 12.50 5.45
N GLY B 331 -7.60 11.43 4.73
CA GLY B 331 -6.99 10.14 4.92
C GLY B 331 -7.74 9.19 5.83
N ILE B 332 -7.40 7.92 5.70
CA ILE B 332 -7.91 6.85 6.55
C ILE B 332 -6.97 6.72 7.74
N VAL B 333 -7.52 6.86 8.94
CA VAL B 333 -6.70 6.85 10.14
C VAL B 333 -7.31 5.91 11.17
N ALA B 334 -6.45 5.16 11.87
CA ALA B 334 -6.91 4.15 12.83
C ALA B 334 -7.87 4.75 13.86
P PO4 C . -26.55 -26.30 -3.97
O1 PO4 C . -25.68 -27.54 -3.84
O2 PO4 C . -27.72 -26.40 -3.05
O3 PO4 C . -25.71 -25.09 -3.63
O4 PO4 C . -27.04 -26.14 -5.40
P PO4 D . -9.90 0.04 -28.88
O1 PO4 D . -9.24 -1.29 -28.59
O2 PO4 D . -9.55 1.04 -27.78
O3 PO4 D . -9.43 0.57 -30.22
O4 PO4 D . -11.40 -0.15 -28.97
P PO4 E . -25.64 7.06 -21.75
O1 PO4 E . -25.63 5.95 -20.70
O2 PO4 E . -25.02 8.32 -21.20
O3 PO4 E . -24.85 6.63 -22.96
O4 PO4 E . -27.08 7.31 -22.14
P PO4 F . -15.59 -4.78 -3.93
O1 PO4 F . -14.58 -4.14 -2.99
O2 PO4 F . -16.96 -4.20 -3.67
O3 PO4 F . -15.15 -4.54 -5.36
O4 PO4 F . -15.59 -6.27 -3.65
CL CL G . -23.11 -29.59 -4.71
P PO4 H . 22.48 25.24 -4.86
O1 PO4 H . 22.91 24.00 -4.08
O2 PO4 H . 21.48 26.03 -4.05
O3 PO4 H . 23.72 26.07 -5.10
O4 PO4 H . 21.86 24.87 -6.19
O02 UNL I . 16.65 7.52 6.73
C UNL I . 15.88 6.67 6.22
O03 UNL I . 14.60 6.62 6.32
C03 UNL I . 16.54 5.66 5.45
O04 UNL I . 17.87 5.95 5.30
O05 UNL I . 16.40 4.50 6.19
C02 UNL I . 15.87 5.63 4.10
C01 UNL I . 15.67 4.28 3.57
O UNL I . 14.66 3.61 3.91
O01 UNL I . 16.50 3.85 2.71
O06 UNL I . 14.62 6.18 4.19
#